data_1C4S
# 
_entry.id   1C4S 
# 
_audit_conform.dict_name       mmcif_pdbx.dic 
_audit_conform.dict_version    5.385 
_audit_conform.dict_location   http://mmcif.pdb.org/dictionaries/ascii/mmcif_pdbx.dic 
# 
loop_
_database_2.database_id 
_database_2.database_code 
_database_2.pdbx_database_accession 
_database_2.pdbx_DOI 
PDB   1C4S         pdb_00001c4s 10.2210/pdb1c4s/pdb 
WWPDB D_1000172169 ?            ?                   
# 
loop_
_pdbx_audit_revision_history.ordinal 
_pdbx_audit_revision_history.data_content_type 
_pdbx_audit_revision_history.major_revision 
_pdbx_audit_revision_history.minor_revision 
_pdbx_audit_revision_history.revision_date 
1 'Structure model' 1 0 1980-03-28 
2 'Structure model' 1 1 2008-03-21 
3 'Structure model' 1 2 2011-07-13 
4 'Structure model' 2 0 2020-07-29 
5 'Structure model' 2 1 2024-02-07 
# 
loop_
_pdbx_audit_revision_details.ordinal 
_pdbx_audit_revision_details.revision_ordinal 
_pdbx_audit_revision_details.data_content_type 
_pdbx_audit_revision_details.provider 
_pdbx_audit_revision_details.type 
_pdbx_audit_revision_details.description 
_pdbx_audit_revision_details.details 
1 1 'Structure model' repository 'Initial release' ?                          ? 
2 4 'Structure model' repository Remediation       'Carbohydrate remediation' ? 
# 
loop_
_pdbx_audit_revision_group.ordinal 
_pdbx_audit_revision_group.revision_ordinal 
_pdbx_audit_revision_group.data_content_type 
_pdbx_audit_revision_group.group 
1  2 'Structure model' 'Version format compliance' 
2  3 'Structure model' 'Version format compliance' 
3  4 'Structure model' Advisory                    
4  4 'Structure model' 'Atomic model'              
5  4 'Structure model' 'Data collection'           
6  4 'Structure model' 'Database references'       
7  4 'Structure model' 'Derived calculations'      
8  4 'Structure model' Other                       
9  4 'Structure model' 'Structure summary'         
10 5 'Structure model' 'Data collection'           
11 5 'Structure model' 'Database references'       
12 5 'Structure model' 'Structure summary'         
# 
loop_
_pdbx_audit_revision_category.ordinal 
_pdbx_audit_revision_category.revision_ordinal 
_pdbx_audit_revision_category.data_content_type 
_pdbx_audit_revision_category.category 
1  4 'Structure model' atom_site                     
2  4 'Structure model' chem_comp                     
3  4 'Structure model' database_PDB_caveat           
4  4 'Structure model' entity                        
5  4 'Structure model' pdbx_branch_scheme            
6  4 'Structure model' pdbx_chem_comp_identifier     
7  4 'Structure model' pdbx_database_status          
8  4 'Structure model' pdbx_entity_branch            
9  4 'Structure model' pdbx_entity_branch_descriptor 
10 4 'Structure model' pdbx_entity_branch_link       
11 4 'Structure model' pdbx_entity_branch_list       
12 4 'Structure model' pdbx_entity_nonpoly           
13 4 'Structure model' pdbx_nonpoly_scheme           
14 4 'Structure model' pdbx_struct_assembly          
15 4 'Structure model' pdbx_struct_oper_list         
16 4 'Structure model' pdbx_validate_symm_contact    
17 4 'Structure model' struct_asym                   
18 4 'Structure model' struct_conn                   
19 4 'Structure model' struct_ref                    
20 4 'Structure model' struct_ref_seq                
21 4 'Structure model' struct_site                   
22 4 'Structure model' struct_site_gen               
23 5 'Structure model' chem_comp                     
24 5 'Structure model' chem_comp_atom                
25 5 'Structure model' chem_comp_bond                
26 5 'Structure model' database_2                    
# 
loop_
_pdbx_audit_revision_item.ordinal 
_pdbx_audit_revision_item.revision_ordinal 
_pdbx_audit_revision_item.data_content_type 
_pdbx_audit_revision_item.item 
1  4 'Structure model' '_atom_site.Cartn_x'                         
2  4 'Structure model' '_atom_site.Cartn_y'                         
3  4 'Structure model' '_atom_site.Cartn_z'                         
4  4 'Structure model' '_atom_site.auth_atom_id'                    
5  4 'Structure model' '_atom_site.auth_comp_id'                    
6  4 'Structure model' '_atom_site.auth_seq_id'                     
7  4 'Structure model' '_atom_site.label_asym_id'                   
8  4 'Structure model' '_atom_site.label_atom_id'                   
9  4 'Structure model' '_atom_site.label_comp_id'                   
10 4 'Structure model' '_atom_site.label_entity_id'                 
11 4 'Structure model' '_atom_site.type_symbol'                     
12 4 'Structure model' '_chem_comp.mon_nstd_flag'                   
13 4 'Structure model' '_chem_comp.name'                            
14 4 'Structure model' '_chem_comp.type'                            
15 4 'Structure model' '_pdbx_database_status.process_site'         
16 4 'Structure model' '_pdbx_validate_symm_contact.auth_atom_id_1' 
17 4 'Structure model' '_pdbx_validate_symm_contact.auth_atom_id_2' 
18 4 'Structure model' '_pdbx_validate_symm_contact.auth_comp_id_1' 
19 4 'Structure model' '_pdbx_validate_symm_contact.auth_comp_id_2' 
20 4 'Structure model' '_pdbx_validate_symm_contact.auth_seq_id_1'  
21 4 'Structure model' '_pdbx_validate_symm_contact.auth_seq_id_2'  
22 4 'Structure model' '_struct_conn.pdbx_dist_value'               
23 4 'Structure model' '_struct_conn.pdbx_leaving_atom_flag'        
24 4 'Structure model' '_struct_conn.pdbx_value_order'              
25 4 'Structure model' '_struct_conn.ptnr1_label_asym_id'           
26 4 'Structure model' '_struct_conn.ptnr1_label_atom_id'           
27 4 'Structure model' '_struct_conn.ptnr2_label_asym_id'           
28 4 'Structure model' '_struct_conn.ptnr2_label_atom_id'           
29 5 'Structure model' '_chem_comp.pdbx_synonyms'                   
30 5 'Structure model' '_database_2.pdbx_DOI'                       
31 5 'Structure model' '_database_2.pdbx_database_accession'        
# 
_database_PDB_caveat.id     1 
_database_PDB_caveat.text   'GCU A 3 HAS WRONG CHIRALITY AT ATOM C1' 
# 
_pdbx_database_status.status_code                     REL 
_pdbx_database_status.entry_id                        1C4S 
_pdbx_database_status.recvd_initial_deposition_date   1978-05-23 
_pdbx_database_status.deposit_site                    ? 
_pdbx_database_status.process_site                    BNL 
_pdbx_database_status.SG_entry                        . 
_pdbx_database_status.pdb_format_compatible           Y 
_pdbx_database_status.status_code_mr                  ? 
_pdbx_database_status.status_code_sf                  ? 
_pdbx_database_status.status_code_cs                  ? 
_pdbx_database_status.status_code_nmr_data            ? 
_pdbx_database_status.methods_development_category    ? 
# 
_audit_author.name           'Arnott, S.' 
_audit_author.pdbx_ordinal   1 
# 
loop_
_citation.id 
_citation.title 
_citation.journal_abbrev 
_citation.journal_volume 
_citation.page_first 
_citation.page_last 
_citation.year 
_citation.journal_id_ASTM 
_citation.country 
_citation.journal_id_ISSN 
_citation.journal_id_CSD 
_citation.book_publisher 
_citation.pdbx_database_id_PubMed 
_citation.pdbx_database_id_DOI 
primary 'Chondroitin 4-sulfate: the structure of a sulfated glycosaminoglycan.' J.Mol.Biol.                125 1 19 1978 JMOBAK UK 
0022-2836 0070 ? 712855 '10.1016/0022-2836(78)90251-6' 
1       
;Lals, a Linked-Atom Least-Squares Reciprocal-Space Refinement System Incorporating Stereochemical Restraints to Supplement Sparse Diffraction Data
;
'Acta Crystallogr.,Sect.A' 34  3 ?  1978 ACACEQ DK 0108-7673 0621 ? ?      ?                              
# 
loop_
_citation_author.citation_id 
_citation_author.name 
_citation_author.ordinal 
_citation_author.identifier_ORCID 
primary 'Winter, W.T.'  1 ? 
primary 'Arnott, S.'    2 ? 
primary 'Isaac, D.H.'   3 ? 
primary 'Atkins, E.D.'  4 ? 
1       'Smith, P.J.C.' 5 ? 
1       'Arnott, S.'    6 ? 
# 
loop_
_entity.id 
_entity.type 
_entity.src_method 
_entity.pdbx_description 
_entity.formula_weight 
_entity.pdbx_number_of_molecules 
_entity.pdbx_ec 
_entity.pdbx_mutation 
_entity.pdbx_fragment 
_entity.details 
1 branched    man 
;2-acetamido-2-deoxy-4-O-sulfo-beta-D-galactopyranose-(1-4)-4-deoxy-beta-D-glucopyranuronic acid-(1-3)-2-acetamido-2-deoxy-4-O-sulfo-beta-D-galactopyranose-(1-4)-alpha-D-glucopyranuronic acid-(1-3)-2-acetamido-2-deoxy-4-O-sulfo-beta-D-galactopyranose-(1-4)-4-deoxy-beta-D-glucopyranuronic acid
;
1364.156 1  ? ? ? ? 
2 non-polymer syn 'SODIUM ION' 22.990   6  ? ? ? ? 
3 water       nat water 18.015   30 ? ? ? ? 
# 
loop_
_pdbx_entity_nonpoly.entity_id 
_pdbx_entity_nonpoly.name 
_pdbx_entity_nonpoly.comp_id 
2 'SODIUM ION' NA  
3 water        HOH 
# 
_pdbx_entity_branch.entity_id   1 
_pdbx_entity_branch.type        oligosaccharide 
# 
loop_
_pdbx_entity_branch_descriptor.ordinal 
_pdbx_entity_branch_descriptor.entity_id 
_pdbx_entity_branch_descriptor.descriptor 
_pdbx_entity_branch_descriptor.type 
_pdbx_entity_branch_descriptor.program 
_pdbx_entity_branch_descriptor.program_version 
1 1 
'WURCS=2.0/3,6,5/[a2122A-1b_1-5][a2112h-1b_1-5_2*NCC/3=O_4*OSO/3=O/3=O][a2122A-1a_1-5]/1-2-3-2-1-2/a4-b1_b3-c1_c4-d1_d3-e1_e4-f1' 
WURCS  PDB2Glycan 1.1.0 
2 1 
;[][b-D-GlcpA]{[(4+1)][b-D-GalpNAc4SO3]{[(3+1)][b-D-GlcpA]{[(4+1)][b-D-GalpNAc4SO3]{[(3+1)][b-D-GlcpA]{[(4+1)][b-D-3-deoxy-GalpNAc4SO3]{}}}}}}
;
LINUCS PDB-CARE   ?     
# 
loop_
_pdbx_entity_branch_link.link_id 
_pdbx_entity_branch_link.entity_id 
_pdbx_entity_branch_link.entity_branch_list_num_1 
_pdbx_entity_branch_link.comp_id_1 
_pdbx_entity_branch_link.atom_id_1 
_pdbx_entity_branch_link.leaving_atom_id_1 
_pdbx_entity_branch_link.entity_branch_list_num_2 
_pdbx_entity_branch_link.comp_id_2 
_pdbx_entity_branch_link.atom_id_2 
_pdbx_entity_branch_link.leaving_atom_id_2 
_pdbx_entity_branch_link.value_order 
_pdbx_entity_branch_link.details 
1 1 1 GC4 C4 H4 2 ASG O1 HO1 sing ? 
2 1 3 GCU C1 O1 2 ASG O3 HO3 sing ? 
3 1 4 ASG C1 O1 3 GCU O4 HO4 sing ? 
4 1 5 GC4 C1 O1 4 ASG O3 HO3 sing ? 
5 1 5 GC4 C4 H4 6 ASG O1 HO1 sing ? 
# 
loop_
_chem_comp.id 
_chem_comp.type 
_chem_comp.mon_nstd_flag 
_chem_comp.name 
_chem_comp.pdbx_synonyms 
_chem_comp.formula 
_chem_comp.formula_weight 
ASG 'D-saccharide, beta linking'  n 2-acetamido-2-deoxy-4-O-sulfo-beta-D-galactopyranose 
;2-DEOXY-2-ACETAMIDO-BETA-D-GALACTOSE-4-SULFATE; N-acetyl-4-O-sulfo-beta-D-galactosamine; 2-acetamido-2-deoxy-4-O-sulfo-beta-D-galactose; 2-acetamido-2-deoxy-4-O-sulfo-D-galactose; 2-acetamido-2-deoxy-4-O-sulfo-galactose
;
'C8 H15 N O9 S' 301.271 
GC4 'D-saccharide, beta linking'  . '4-deoxy-beta-D-glucopyranuronic acid'               
'4-DEOXY-D-GLUCURONIC ACID; 4-deoxy-beta-D-glucuronic acid; 4-deoxy-glucuronic acid' 'C6 H10 O6'     178.140 
GCU 'D-saccharide, alpha linking' . 'alpha-D-glucopyranuronic acid'                      
'alpha-D-glucuronic acid; D-glucuronic acid; glucuronic acid' 'C6 H10 O7'     194.139 
HOH non-polymer                   . WATER                                                ? 'H2 O'          18.015  
NA  non-polymer                   . 'SODIUM ION'                                         ? 'Na 1'          22.990  
# 
loop_
_pdbx_chem_comp_identifier.comp_id 
_pdbx_chem_comp_identifier.type 
_pdbx_chem_comp_identifier.program 
_pdbx_chem_comp_identifier.program_version 
_pdbx_chem_comp_identifier.identifier 
ASG 'CONDENSED IUPAC CARBOHYDRATE SYMBOL' GMML     1.0 'DGalpNAc[4S]b'                      
ASG 'COMMON NAME'                         GMML     1.0 N-acetyl-4-sulfo-b-D-galactopyranose 
ASG 'IUPAC CARBOHYDRATE SYMBOL'           PDB-CARE 1.0 b-D-GalpNAc4SO3                      
GC4 'IUPAC CARBOHYDRATE SYMBOL'           PDB-CARE 1.0 b-D-4-deoxy-GlcpA                    
GCU 'CONDENSED IUPAC CARBOHYDRATE SYMBOL' GMML     1.0 DGlcpAa                              
GCU 'COMMON NAME'                         GMML     1.0 'a-D-glucopyranuronic acid'          
GCU 'IUPAC CARBOHYDRATE SYMBOL'           PDB-CARE 1.0 a-D-GlcpA                            
GCU 'SNFG CARBOHYDRATE SYMBOL'            GMML     1.0 GlcA                                 
# 
loop_
_pdbx_branch_scheme.asym_id 
_pdbx_branch_scheme.entity_id 
_pdbx_branch_scheme.mon_id 
_pdbx_branch_scheme.num 
_pdbx_branch_scheme.pdb_asym_id 
_pdbx_branch_scheme.pdb_mon_id 
_pdbx_branch_scheme.pdb_seq_num 
_pdbx_branch_scheme.auth_asym_id 
_pdbx_branch_scheme.auth_mon_id 
_pdbx_branch_scheme.auth_seq_num 
_pdbx_branch_scheme.hetero 
A 1 GC4 1 A GC4 1 A GC4 1 n 
A 1 ASG 2 A ASG 2 A ASG 2 n 
A 1 GCU 3 A GCU 3 A GCU 3 n 
A 1 ASG 4 A ASG 4 A ASG 4 n 
A 1 GC4 5 A GC4 5 A GC4 5 n 
A 1 ASG 6 A ASG 6 A ASG 6 n 
# 
loop_
_pdbx_nonpoly_scheme.asym_id 
_pdbx_nonpoly_scheme.entity_id 
_pdbx_nonpoly_scheme.mon_id 
_pdbx_nonpoly_scheme.ndb_seq_num 
_pdbx_nonpoly_scheme.pdb_seq_num 
_pdbx_nonpoly_scheme.auth_seq_num 
_pdbx_nonpoly_scheme.pdb_mon_id 
_pdbx_nonpoly_scheme.auth_mon_id 
_pdbx_nonpoly_scheme.pdb_strand_id 
_pdbx_nonpoly_scheme.pdb_ins_code 
B 2 NA  1  40 40 NA  NA  A . 
C 2 NA  1  41 41 NA  NA  A . 
D 2 NA  1  42 42 NA  NA  A . 
E 2 NA  1  43 43 NA  NA  A . 
F 2 NA  1  44 44 NA  NA  A . 
G 2 NA  1  45 45 NA  NA  A . 
H 3 HOH 1  7  7  HOH HOH A . 
H 3 HOH 2  8  8  HOH HOH A . 
H 3 HOH 3  9  9  HOH HOH A . 
H 3 HOH 4  10 10 HOH HOH A . 
H 3 HOH 5  11 11 HOH HOH A . 
H 3 HOH 6  12 12 HOH HOH A . 
H 3 HOH 7  13 13 HOH HOH A . 
H 3 HOH 8  14 14 HOH HOH A . 
H 3 HOH 9  15 15 HOH HOH A . 
H 3 HOH 10 16 16 HOH HOH A . 
H 3 HOH 11 17 17 HOH HOH A . 
H 3 HOH 12 18 18 HOH HOH A . 
H 3 HOH 13 19 19 HOH HOH A . 
H 3 HOH 14 20 20 HOH HOH A . 
H 3 HOH 15 21 21 HOH HOH A . 
H 3 HOH 16 22 22 HOH HOH A . 
H 3 HOH 17 23 23 HOH HOH A . 
H 3 HOH 18 24 24 HOH HOH A . 
H 3 HOH 19 25 25 HOH HOH A . 
H 3 HOH 20 26 26 HOH HOH A . 
H 3 HOH 21 27 27 HOH HOH A . 
H 3 HOH 22 28 28 HOH HOH A . 
H 3 HOH 23 29 29 HOH HOH A . 
H 3 HOH 24 30 30 HOH HOH A . 
H 3 HOH 25 31 31 HOH HOH A . 
H 3 HOH 26 32 32 HOH HOH A . 
H 3 HOH 27 33 33 HOH HOH A . 
H 3 HOH 28 34 34 HOH HOH A . 
H 3 HOH 29 35 35 HOH HOH A . 
H 3 HOH 30 36 36 HOH HOH A . 
# 
_pdbx_unobs_or_zero_occ_atoms.id               1 
_pdbx_unobs_or_zero_occ_atoms.PDB_model_num    1 
_pdbx_unobs_or_zero_occ_atoms.polymer_flag     N 
_pdbx_unobs_or_zero_occ_atoms.occupancy_flag   1 
_pdbx_unobs_or_zero_occ_atoms.auth_asym_id     A 
_pdbx_unobs_or_zero_occ_atoms.auth_comp_id     ASG 
_pdbx_unobs_or_zero_occ_atoms.auth_seq_id      6 
_pdbx_unobs_or_zero_occ_atoms.PDB_ins_code     ? 
_pdbx_unobs_or_zero_occ_atoms.auth_atom_id     O3 
_pdbx_unobs_or_zero_occ_atoms.label_alt_id     ? 
_pdbx_unobs_or_zero_occ_atoms.label_asym_id    A 
_pdbx_unobs_or_zero_occ_atoms.label_comp_id    ASG 
_pdbx_unobs_or_zero_occ_atoms.label_seq_id     6 
_pdbx_unobs_or_zero_occ_atoms.label_atom_id    O3 
# 
loop_
_software.name 
_software.classification 
_software.version 
_software.citation_id 
_software.pdbx_ordinal 
LINKED-ATOM refinement 'LEAST-SQUARES MODEL-BUILDING PROCEDURE' ? 1 
LALS        refinement .                                        ? 2 
# 
_cell.entry_id           1C4S 
_cell.length_a           14.520 
_cell.length_b           14.520 
_cell.length_c           28.320 
_cell.angle_alpha        90.00 
_cell.angle_beta         90.00 
_cell.angle_gamma        120.00 
_cell.Z_PDB              6 
_cell.pdbx_unique_axis   ? 
# 
_symmetry.entry_id                         1C4S 
_symmetry.space_group_name_H-M             'P 32 2 1' 
_symmetry.pdbx_full_space_group_name_H-M   ? 
_symmetry.cell_setting                     ? 
_symmetry.Int_Tables_number                154 
# 
_exptl.entry_id          1C4S 
_exptl.method            'FIBER DIFFRACTION' 
_exptl.crystals_number   ? 
# 
_refine.entry_id                                 1C4S 
_refine.ls_number_reflns_obs                     ? 
_refine.ls_number_reflns_all                     ? 
_refine.pdbx_ls_sigma_I                          ? 
_refine.pdbx_ls_sigma_F                          ? 
_refine.pdbx_data_cutoff_high_absF               ? 
_refine.pdbx_data_cutoff_low_absF                ? 
_refine.pdbx_data_cutoff_high_rms_absF           ? 
_refine.ls_d_res_low                             . 
_refine.ls_d_res_high                            3.0 
_refine.ls_percent_reflns_obs                    ? 
_refine.ls_R_factor_obs                          ? 
_refine.ls_R_factor_all                          ? 
_refine.ls_R_factor_R_work                       ? 
_refine.ls_R_factor_R_free                       ? 
_refine.ls_R_factor_R_free_error                 ? 
_refine.ls_R_factor_R_free_error_details         ? 
_refine.ls_percent_reflns_R_free                 ? 
_refine.ls_number_reflns_R_free                  ? 
_refine.ls_number_parameters                     ? 
_refine.ls_number_restraints                     ? 
_refine.occupancy_min                            ? 
_refine.occupancy_max                            ? 
_refine.B_iso_mean                               ? 
_refine.aniso_B[1][1]                            ? 
_refine.aniso_B[2][2]                            ? 
_refine.aniso_B[3][3]                            ? 
_refine.aniso_B[1][2]                            ? 
_refine.aniso_B[1][3]                            ? 
_refine.aniso_B[2][3]                            ? 
_refine.solvent_model_details                    ? 
_refine.solvent_model_param_ksol                 ? 
_refine.solvent_model_param_bsol                 ? 
_refine.pdbx_ls_cross_valid_method               ? 
_refine.details                                  ? 
_refine.pdbx_starting_model                      ? 
_refine.pdbx_method_to_determine_struct          ? 
_refine.pdbx_isotropic_thermal_model             ? 
_refine.pdbx_stereochemistry_target_values       ? 
_refine.pdbx_stereochem_target_val_spec_case     ? 
_refine.pdbx_R_Free_selection_details            ? 
_refine.pdbx_overall_ESU_R                       ? 
_refine.pdbx_overall_ESU_R_Free                  ? 
_refine.overall_SU_ML                            ? 
_refine.overall_SU_B                             ? 
_refine.pdbx_refine_id                           'FIBER DIFFRACTION' 
_refine.pdbx_diffrn_id                           1 
_refine.pdbx_TLS_residual_ADP_flag               ? 
_refine.correlation_coeff_Fo_to_Fc               ? 
_refine.correlation_coeff_Fo_to_Fc_free          ? 
_refine.pdbx_solvent_vdw_probe_radii             ? 
_refine.pdbx_solvent_ion_probe_radii             ? 
_refine.pdbx_solvent_shrinkage_radii             ? 
_refine.pdbx_overall_phase_error                 ? 
_refine.overall_SU_R_Cruickshank_DPI             ? 
_refine.pdbx_overall_SU_R_free_Cruickshank_DPI   ? 
_refine.pdbx_overall_SU_R_Blow_DPI               ? 
_refine.pdbx_overall_SU_R_free_Blow_DPI          ? 
# 
_refine_hist.pdbx_refine_id                   'FIBER DIFFRACTION' 
_refine_hist.cycle_id                         LAST 
_refine_hist.pdbx_number_atoms_protein        0 
_refine_hist.pdbx_number_atoms_nucleic_acid   0 
_refine_hist.pdbx_number_atoms_ligand         144 
_refine_hist.number_atoms_solvent             30 
_refine_hist.number_atoms_total               174 
_refine_hist.d_res_high                       3.0 
_refine_hist.d_res_low                        . 
# 
_struct.entry_id                  1C4S 
_struct.title                     'CHONDROITIN-4-SULFATE. THE STRUCTURE OF A SULFATED GLYCOSAMINOGLYCAN' 
_struct.pdbx_model_details        ? 
_struct.pdbx_CASP_flag            ? 
_struct.pdbx_model_type_details   ? 
# 
_struct_keywords.entry_id        1C4S 
_struct_keywords.pdbx_keywords   'TEXTURE OF CONNECTIVE TISSUE' 
_struct_keywords.text            'TEXTURE OF CONNECTIVE TISSUE' 
# 
loop_
_struct_asym.id 
_struct_asym.pdbx_blank_PDB_chainid_flag 
_struct_asym.pdbx_modified 
_struct_asym.entity_id 
_struct_asym.details 
A N N 1 ? 
B N N 2 ? 
C N N 2 ? 
D N N 2 ? 
E N N 2 ? 
F N N 2 ? 
G N N 2 ? 
H N N 3 ? 
# 
_pdbx_struct_assembly.id                   1 
_pdbx_struct_assembly.details              author_defined_assembly 
_pdbx_struct_assembly.method_details       ? 
_pdbx_struct_assembly.oligomeric_details   ? 
_pdbx_struct_assembly.oligomeric_count     ? 
# 
_pdbx_struct_assembly_gen.assembly_id       1 
_pdbx_struct_assembly_gen.oper_expression   1 
_pdbx_struct_assembly_gen.asym_id_list      A,B,C,D,E,F,G,H 
# 
_pdbx_struct_oper_list.id                   1 
_pdbx_struct_oper_list.type                 'identity operation' 
_pdbx_struct_oper_list.name                 1_555 
_pdbx_struct_oper_list.symmetry_operation   x,y,z 
_pdbx_struct_oper_list.matrix[1][1]         1.0000000000 
_pdbx_struct_oper_list.matrix[1][2]         0.0000000000 
_pdbx_struct_oper_list.matrix[1][3]         0.0000000000 
_pdbx_struct_oper_list.vector[1]            0.0000000000 
_pdbx_struct_oper_list.matrix[2][1]         0.0000000000 
_pdbx_struct_oper_list.matrix[2][2]         1.0000000000 
_pdbx_struct_oper_list.matrix[2][3]         0.0000000000 
_pdbx_struct_oper_list.vector[2]            0.0000000000 
_pdbx_struct_oper_list.matrix[3][1]         0.0000000000 
_pdbx_struct_oper_list.matrix[3][2]         0.0000000000 
_pdbx_struct_oper_list.matrix[3][3]         1.0000000000 
_pdbx_struct_oper_list.vector[3]            0.0000000000 
# 
_struct_biol.id                    1 
_struct_biol.details               
;THE SIX-RESIDUE CHAIN SEGMENT GIVEN HERE WAS OBTAINED FROM
THE PUBLISHED COORDINATES FOR A TWO-RESIDUE FRAGMENT BY THE
ACTION OF A 31 SCREW AXIS AS GIVEN IN THE PAPER CITED IN
JRNL RECORDS ABOVE.
;
_struct_biol.pdbx_parent_biol_id   ? 
# 
loop_
_struct_conn.id 
_struct_conn.conn_type_id 
_struct_conn.pdbx_leaving_atom_flag 
_struct_conn.pdbx_PDB_id 
_struct_conn.ptnr1_label_asym_id 
_struct_conn.ptnr1_label_comp_id 
_struct_conn.ptnr1_label_seq_id 
_struct_conn.ptnr1_label_atom_id 
_struct_conn.pdbx_ptnr1_label_alt_id 
_struct_conn.pdbx_ptnr1_PDB_ins_code 
_struct_conn.pdbx_ptnr1_standard_comp_id 
_struct_conn.ptnr1_symmetry 
_struct_conn.ptnr2_label_asym_id 
_struct_conn.ptnr2_label_comp_id 
_struct_conn.ptnr2_label_seq_id 
_struct_conn.ptnr2_label_atom_id 
_struct_conn.pdbx_ptnr2_label_alt_id 
_struct_conn.pdbx_ptnr2_PDB_ins_code 
_struct_conn.ptnr1_auth_asym_id 
_struct_conn.ptnr1_auth_comp_id 
_struct_conn.ptnr1_auth_seq_id 
_struct_conn.ptnr2_auth_asym_id 
_struct_conn.ptnr2_auth_comp_id 
_struct_conn.ptnr2_auth_seq_id 
_struct_conn.ptnr2_symmetry 
_struct_conn.pdbx_ptnr3_label_atom_id 
_struct_conn.pdbx_ptnr3_label_seq_id 
_struct_conn.pdbx_ptnr3_label_comp_id 
_struct_conn.pdbx_ptnr3_label_asym_id 
_struct_conn.pdbx_ptnr3_label_alt_id 
_struct_conn.pdbx_ptnr3_PDB_ins_code 
_struct_conn.details 
_struct_conn.pdbx_dist_value 
_struct_conn.pdbx_value_order 
_struct_conn.pdbx_role 
covale1 covale one  ? A GC4 . C4 ? ? ? 1_555 A ASG . O1 ? ? A GC4 1 A ASG 2 1_555 ? ? ? ? ? ? ? 1.426 ?    ? 
covale2 covale both ? A ASG . O3 ? ? ? 1_555 A GCU . C1 ? ? A ASG 2 A GCU 3 1_555 ? ? ? ? ? ? ? 1.391 sing ? 
covale3 covale both ? A GCU . O4 ? ? ? 1_555 A ASG . C1 ? ? A GCU 3 A ASG 4 1_555 ? ? ? ? ? ? ? 1.388 sing ? 
covale4 covale both ? A ASG . O3 ? ? ? 1_555 A GC4 . C1 ? ? A ASG 4 A GC4 5 1_555 ? ? ? ? ? ? ? 1.392 sing ? 
covale5 covale one  ? A GC4 . C4 ? ? ? 1_555 A ASG . O1 ? ? A GC4 5 A ASG 6 1_555 ? ? ? ? ? ? ? 1.426 ?    ? 
# 
_struct_conn_type.id          covale 
_struct_conn_type.criteria    ? 
_struct_conn_type.reference   ? 
# 
loop_
_pdbx_validate_close_contact.id 
_pdbx_validate_close_contact.PDB_model_num 
_pdbx_validate_close_contact.auth_atom_id_1 
_pdbx_validate_close_contact.auth_asym_id_1 
_pdbx_validate_close_contact.auth_comp_id_1 
_pdbx_validate_close_contact.auth_seq_id_1 
_pdbx_validate_close_contact.PDB_ins_code_1 
_pdbx_validate_close_contact.label_alt_id_1 
_pdbx_validate_close_contact.auth_atom_id_2 
_pdbx_validate_close_contact.auth_asym_id_2 
_pdbx_validate_close_contact.auth_comp_id_2 
_pdbx_validate_close_contact.auth_seq_id_2 
_pdbx_validate_close_contact.PDB_ins_code_2 
_pdbx_validate_close_contact.label_alt_id_2 
_pdbx_validate_close_contact.dist 
1 1 O A HOH 24 ? ? O A HOH 26 ? ? 2.04 
2 1 O A HOH 14 ? ? O A HOH 16 ? ? 2.04 
3 1 O A HOH 34 ? ? O A HOH 36 ? ? 2.04 
4 1 O A HOH 15 ? ? O A HOH 16 ? ? 2.09 
5 1 O A HOH 25 ? ? O A HOH 26 ? ? 2.09 
6 1 O A HOH 35 ? ? O A HOH 36 ? ? 2.09 
# 
loop_
_pdbx_validate_symm_contact.id 
_pdbx_validate_symm_contact.PDB_model_num 
_pdbx_validate_symm_contact.auth_atom_id_1 
_pdbx_validate_symm_contact.auth_asym_id_1 
_pdbx_validate_symm_contact.auth_comp_id_1 
_pdbx_validate_symm_contact.auth_seq_id_1 
_pdbx_validate_symm_contact.PDB_ins_code_1 
_pdbx_validate_symm_contact.label_alt_id_1 
_pdbx_validate_symm_contact.site_symmetry_1 
_pdbx_validate_symm_contact.auth_atom_id_2 
_pdbx_validate_symm_contact.auth_asym_id_2 
_pdbx_validate_symm_contact.auth_comp_id_2 
_pdbx_validate_symm_contact.auth_seq_id_2 
_pdbx_validate_symm_contact.PDB_ins_code_2 
_pdbx_validate_symm_contact.label_alt_id_2 
_pdbx_validate_symm_contact.site_symmetry_2 
_pdbx_validate_symm_contact.dist 
1   1 O6A A GCU 3  ? ? 1_555 O6A A GC4 5  ? ? 2_654 0.00 
2   1 C2  A ASG 4  ? ? 1_555 C2  A ASG 6  ? ? 2_654 0.00 
3   1 C3  A GC4 1  ? ? 1_555 C3  A GCU 3  ? ? 2_654 0.00 
4   1 H81 A ASG 4  ? ? 1_555 H81 A ASG 6  ? ? 2_654 0.00 
5   1 H2  A ASG 2  ? ? 1_555 H2  A ASG 4  ? ? 2_654 0.00 
6   1 C5  A ASG 2  ? ? 1_555 C5  A ASG 4  ? ? 2_654 0.00 
7   1 O   A HOH 9  ? ? 1_555 O   A HOH 19 ? ? 2_654 0.00 
8   1 H3  A ASG 2  ? ? 1_555 H3  A ASG 4  ? ? 2_654 0.00 
9   1 H2  A ASG 2  ? ? 1_555 H2  A ASG 6  ? ? 3_664 0.00 
10  1 H81 A ASG 2  ? ? 1_555 H81 A ASG 6  ? ? 3_664 0.00 
11  1 H1  A ASG 2  ? ? 1_555 H1  A ASG 4  ? ? 2_654 0.00 
12  1 O3  A GCU 3  ? ? 1_555 O3  A GC4 5  ? ? 2_654 0.00 
13  1 H83 A ASG 2  ? ? 1_555 H83 A ASG 6  ? ? 3_664 0.00 
14  1 C4  A ASG 2  ? ? 1_555 C4  A ASG 4  ? ? 2_654 0.00 
15  1 C4  A ASG 4  ? ? 1_555 C4  A ASG 6  ? ? 2_654 0.00 
16  1 N2  A ASG 2  ? ? 1_555 N2  A ASG 4  ? ? 2_654 0.00 
17  1 C2  A ASG 2  ? ? 1_555 C2  A ASG 4  ? ? 2_654 0.00 
18  1 OSB A ASG 4  ? ? 1_555 OSB A ASG 6  ? ? 2_654 0.00 
19  1 O   A HOH 19 ? ? 1_555 O   A HOH 29 ? ? 2_654 0.00 
20  1 O   A HOH 11 ? ? 1_555 O   A HOH 21 ? ? 2_654 0.00 
21  1 O   A HOH 15 ? ? 1_555 O   A HOH 35 ? ? 3_664 0.00 
22  1 O   A HOH 13 ? ? 1_555 O   A HOH 33 ? ? 3_664 0.00 
23  1 H2  A ASG 4  ? ? 1_555 H2  A ASG 6  ? ? 2_654 0.00 
24  1 H81 A ASG 2  ? ? 1_555 H81 A ASG 4  ? ? 2_654 0.00 
25  1 C6  A ASG 2  ? ? 1_555 C6  A ASG 6  ? ? 3_664 0.00 
26  1 HN2 A ASG 4  ? ? 1_555 HN2 A ASG 6  ? ? 2_654 0.00 
27  1 C2  A GC4 1  ? ? 1_555 C2  A GCU 3  ? ? 2_654 0.00 
28  1 C6  A GC4 1  ? ? 1_555 C6  A GCU 3  ? ? 2_654 0.00 
29  1 C2  A ASG 2  ? ? 1_555 C2  A ASG 6  ? ? 3_664 0.00 
30  1 C3  A ASG 4  ? ? 1_555 C3  A ASG 6  ? ? 2_654 0.00 
31  1 O4  A ASG 2  ? ? 1_555 O4  A ASG 6  ? ? 3_664 0.00 
32  1 C5  A GC4 1  ? ? 1_555 C5  A GC4 5  ? ? 3_664 0.00 
33  1 C1  A GC4 1  ? ? 1_555 C1  A GCU 3  ? ? 2_654 0.00 
34  1 O   A HOH 22 ? ? 1_555 O   A HOH 32 ? ? 2_654 0.00 
35  1 OSC A ASG 2  ? ? 1_555 OSC A ASG 6  ? ? 3_664 0.00 
36  1 NA  A NA  40 ? ? 1_555 NA  A NA  42 ? ? 2_654 0.00 
37  1 O   A HOH 14 ? ? 1_555 O   A HOH 34 ? ? 3_664 0.00 
38  1 O6A A GC4 1  ? ? 1_555 O6A A GC4 5  ? ? 3_664 0.00 
39  1 O3  A GC4 1  ? ? 1_555 O3  A GC4 5  ? ? 3_664 0.00 
40  1 C1  A ASG 2  ? ? 1_555 C1  A ASG 6  ? ? 3_664 0.00 
41  1 O   A HOH 20 ? ? 1_555 O   A HOH 30 ? ? 2_654 0.00 
42  1 H1  A GC4 1  ? ? 1_555 H1  A GCU 3  ? ? 2_654 0.00 
43  1 O5  A GC4 1  ? ? 1_555 O5  A GC4 5  ? ? 3_664 0.00 
44  1 O   A HOH 18 ? ? 1_555 O   A HOH 28 ? ? 2_654 0.00 
45  1 O7  A ASG 2  ? ? 1_555 O7  A ASG 4  ? ? 2_654 0.00 
46  1 O6  A ASG 2  ? ? 1_555 O6  A ASG 6  ? ? 3_664 0.00 
47  1 C8  A ASG 2  ? ? 1_555 C8  A ASG 6  ? ? 3_664 0.00 
48  1 O6A A GC4 1  ? ? 1_555 O6A A GCU 3  ? ? 2_654 0.00 
49  1 C7  A ASG 4  ? ? 1_555 C7  A ASG 6  ? ? 2_654 0.00 
50  1 O   A HOH 9  ? ? 1_555 O   A HOH 29 ? ? 3_664 0.00 
51  1 C1  A ASG 4  ? ? 1_555 C1  A ASG 6  ? ? 2_654 0.00 
52  1 C4  A GC4 1  ? ? 1_555 C4  A GCU 3  ? ? 2_654 0.00 
53  1 C3  A ASG 2  ? ? 1_555 C3  A ASG 6  ? ? 3_664 0.00 
54  1 C4  A ASG 2  ? ? 1_555 C4  A ASG 6  ? ? 3_664 0.00 
55  1 NA  A NA  40 ? ? 1_555 NA  A NA  44 ? ? 3_664 0.00 
56  1 C2  A GC4 1  ? ? 1_555 C2  A GC4 5  ? ? 3_664 0.00 
57  1 H61 A ASG 2  ? ? 1_555 H61 A ASG 6  ? ? 3_664 0.00 
58  1 O   A HOH 11 ? ? 1_555 O   A HOH 31 ? ? 3_664 0.00 
59  1 H3  A ASG 2  ? ? 1_555 H3  A ASG 6  ? ? 3_664 0.00 
60  1 HN2 A ASG 2  ? ? 1_555 HN2 A ASG 4  ? ? 2_654 0.00 
61  1 OSA A ASG 2  ? ? 1_555 OSA A ASG 6  ? ? 3_664 0.00 
62  1 C7  A ASG 2  ? ? 1_555 C7  A ASG 4  ? ? 2_654 0.00 
63  1 O   A HOH 8  ? ? 1_555 O   A HOH 28 ? ? 3_664 0.00 
64  1 C1  A ASG 2  ? ? 1_555 C1  A ASG 4  ? ? 2_654 0.00 
65  1 OSB A ASG 2  ? ? 1_555 OSB A ASG 6  ? ? 3_664 0.00 
66  1 O   A HOH 26 ? ? 1_555 O   A HOH 36 ? ? 2_654 0.00 
67  1 H4  A GC4 1  ? ? 1_555 H4  A GCU 3  ? ? 2_654 0.00 
68  1 N2  A ASG 2  ? ? 1_555 N2  A ASG 6  ? ? 3_664 0.00 
69  1 H1  A ASG 2  ? ? 1_555 H1  A ASG 6  ? ? 3_664 0.00 
70  1 O1  A ASG 2  ? ? 1_555 O1  A ASG 6  ? ? 3_664 0.00 
71  1 O3  A GC4 1  ? ? 1_555 O3  A GCU 3  ? ? 2_654 0.00 
72  1 H3  A ASG 4  ? ? 1_555 H3  A ASG 6  ? ? 2_654 0.00 
73  1 S   A ASG 2  ? ? 1_555 S   A ASG 4  ? ? 2_654 0.00 
74  1 H1  A ASG 4  ? ? 1_555 H1  A ASG 6  ? ? 2_654 0.00 
75  1 H2  A GC4 1  ? ? 1_555 H2  A GC4 5  ? ? 3_664 0.00 
76  1 O6  A ASG 4  ? ? 1_555 O6  A ASG 6  ? ? 2_654 0.00 
77  1 O2  A GCU 3  ? ? 1_555 O2  A GC4 5  ? ? 2_654 0.00 
78  1 C5  A ASG 2  ? ? 1_555 C5  A ASG 6  ? ? 3_664 0.00 
79  1 O   A HOH 21 ? ? 1_555 O   A HOH 31 ? ? 2_654 0.00 
80  1 O3  A ASG 2  ? ? 1_555 O3  A ASG 4  ? ? 2_654 0.00 
81  1 H4  A ASG 2  ? ? 1_555 H4  A ASG 4  ? ? 2_654 0.00 
82  1 O   A HOH 10 ? ? 1_555 O   A HOH 30 ? ? 3_664 0.00 
83  1 C2  A GCU 3  ? ? 1_555 C2  A GC4 5  ? ? 2_654 0.00 
84  1 H4  A ASG 4  ? ? 1_555 H4  A ASG 6  ? ? 2_654 0.00 
85  1 O5  A ASG 2  ? ? 1_555 O5  A ASG 4  ? ? 2_654 0.00 
86  1 O2  A GC4 1  ? ? 1_555 O2  A GC4 5  ? ? 3_664 0.00 
87  1 C3  A ASG 2  ? ? 1_555 C3  A ASG 4  ? ? 2_654 0.00 
88  1 H5  A GC4 1  ? ? 1_555 H5  A GCU 3  ? ? 2_654 0.00 
89  1 O1  A ASG 2  ? ? 1_555 O4  A GCU 3  ? ? 2_654 0.00 
90  1 C3  A GCU 3  ? ? 1_555 C3  A GC4 5  ? ? 2_654 0.00 
91  1 N2  A ASG 4  ? ? 1_555 N2  A ASG 6  ? ? 2_654 0.00 
92  1 OSB A ASG 2  ? ? 1_555 OSB A ASG 4  ? ? 2_654 0.00 
93  1 O4  A ASG 4  ? ? 1_555 O4  A ASG 6  ? ? 2_654 0.00 
94  1 H62 A ASG 2  ? ? 1_555 H62 A ASG 4  ? ? 2_654 0.00 
95  1 O6B A GC4 1  ? ? 1_555 O6B A GC4 5  ? ? 3_664 0.00 
96  1 C5  A ASG 4  ? ? 1_555 C5  A ASG 6  ? ? 2_654 0.00 
97  1 NA  A NA  43 ? ? 1_555 NA  A NA  45 ? ? 2_654 0.00 
98  1 H82 A ASG 2  ? ? 1_555 H82 A ASG 4  ? ? 2_654 0.00 
99  1 C8  A ASG 4  ? ? 1_555 C8  A ASG 6  ? ? 2_654 0.00 
100 1 H62 A ASG 2  ? ? 1_555 H62 A ASG 6  ? ? 3_664 0.00 
101 1 OSA A ASG 2  ? ? 1_555 OSA A ASG 4  ? ? 2_654 0.00 
102 1 O   A HOH 8  ? ? 1_555 O   A HOH 18 ? ? 2_654 0.00 
103 1 O   A HOH 10 ? ? 1_555 O   A HOH 20 ? ? 2_654 0.00 
104 1 C3  A GC4 1  ? ? 1_555 C3  A GC4 5  ? ? 3_664 0.00 
105 1 C7  A ASG 2  ? ? 1_555 C7  A ASG 6  ? ? 3_664 0.00 
106 1 O6  A ASG 2  ? ? 1_555 O6  A ASG 4  ? ? 2_654 0.00 
107 1 C8  A ASG 2  ? ? 1_555 C8  A ASG 4  ? ? 2_654 0.00 
108 1 S   A ASG 4  ? ? 1_555 S   A ASG 6  ? ? 2_654 0.00 
109 1 H4  A GCU 3  ? ? 1_555 H4  A GC4 5  ? ? 2_654 0.00 
110 1 H3  A GCU 3  ? ? 1_555 H3  A GC4 5  ? ? 2_654 0.00 
111 1 HN2 A ASG 2  ? ? 1_555 HN2 A ASG 6  ? ? 3_664 0.00 
112 1 H3  A GC4 1  ? ? 1_555 H3  A GC4 5  ? ? 3_664 0.00 
113 1 C4  A GC4 1  ? ? 1_555 C4  A GC4 5  ? ? 3_664 0.00 
114 1 NA  A NA  42 ? ? 1_555 NA  A NA  44 ? ? 2_654 0.00 
115 1 O5  A GC4 1  ? ? 1_555 O5  A GCU 3  ? ? 2_654 0.00 
116 1 H2  A GC4 1  ? ? 1_555 H2  A GCU 3  ? ? 2_654 0.00 
117 1 O   A HOH 7  ? ? 1_555 O   A HOH 27 ? ? 3_664 0.00 
118 1 O   A HOH 16 ? ? 1_555 O   A HOH 36 ? ? 3_664 0.00 
119 1 O   A HOH 12 ? ? 1_555 O   A HOH 32 ? ? 3_664 0.00 
120 1 O5  A ASG 4  ? ? 1_555 O5  A ASG 6  ? ? 2_654 0.00 
121 1 OSA A ASG 4  ? ? 1_555 OSA A ASG 6  ? ? 2_654 0.00 
122 1 C5  A GCU 3  ? ? 1_555 C5  A GC4 5  ? ? 2_654 0.00 
123 1 H5  A GC4 1  ? ? 1_555 H5  A GC4 5  ? ? 3_664 0.00 
124 1 NA  A NA  41 ? ? 1_555 NA  A NA  45 ? ? 3_664 0.00 
125 1 O   A HOH 16 ? ? 1_555 O   A HOH 26 ? ? 2_654 0.00 
126 1 H4  A GC4 1  ? ? 1_555 H4  A GC4 5  ? ? 3_664 0.00 
127 1 C6  A ASG 2  ? ? 1_555 C6  A ASG 4  ? ? 2_654 0.00 
128 1 H4  A ASG 2  ? ? 1_555 H4  A ASG 6  ? ? 3_664 0.00 
129 1 H61 A ASG 2  ? ? 1_555 H61 A ASG 4  ? ? 2_654 0.00 
130 1 S   A ASG 2  ? ? 1_555 S   A ASG 6  ? ? 3_664 0.00 
131 1 O4  A GCU 3  ? ? 1_555 O1  A ASG 6  ? ? 2_654 0.00 
132 1 C6  A GC4 1  ? ? 1_555 C6  A GC4 5  ? ? 3_664 0.00 
133 1 H83 A ASG 4  ? ? 1_555 H83 A ASG 6  ? ? 2_654 0.00 
134 1 O   A HOH 25 ? ? 1_555 O   A HOH 35 ? ? 2_654 0.00 
135 1 O5  A ASG 2  ? ? 1_555 O5  A ASG 6  ? ? 3_664 0.00 
136 1 O4  A ASG 2  ? ? 1_555 O4  A ASG 4  ? ? 2_654 0.00 
137 1 H5  A GCU 3  ? ? 1_555 H5  A GC4 5  ? ? 2_654 0.00 
138 1 C5  A GC4 1  ? ? 1_555 C5  A GCU 3  ? ? 2_654 0.00 
139 1 O7  A ASG 2  ? ? 1_555 O7  A ASG 6  ? ? 3_664 0.00 
140 1 H5  A ASG 2  ? ? 1_555 H5  A ASG 6  ? ? 3_664 0.00 
141 1 NA  A NA  41 ? ? 1_555 NA  A NA  43 ? ? 2_654 0.00 
142 1 H3  A GC4 1  ? ? 1_555 H3  A GCU 3  ? ? 2_654 0.00 
143 1 H62 A ASG 4  ? ? 1_555 H62 A ASG 6  ? ? 2_654 0.00 
144 1 O7  A ASG 4  ? ? 1_555 O7  A ASG 6  ? ? 2_654 0.00 
145 1 H83 A ASG 2  ? ? 1_555 H83 A ASG 4  ? ? 2_654 0.00 
146 1 O   A HOH 12 ? ? 1_555 O   A HOH 22 ? ? 2_654 0.00 
147 1 O5  A GCU 3  ? ? 1_555 O5  A GC4 5  ? ? 2_654 0.00 
148 1 H2  A GCU 3  ? ? 1_555 H2  A GC4 5  ? ? 2_654 0.00 
149 1 H5  A ASG 4  ? ? 1_555 H5  A ASG 6  ? ? 2_654 0.00 
150 1 H82 A ASG 2  ? ? 1_555 H82 A ASG 6  ? ? 3_664 0.00 
151 1 C6  A ASG 4  ? ? 1_555 C6  A ASG 6  ? ? 2_654 0.00 
152 1 OSC A ASG 4  ? ? 1_555 OSC A ASG 6  ? ? 2_654 0.00 
153 1 O2  A GC4 1  ? ? 1_555 O2  A GCU 3  ? ? 2_654 0.00 
154 1 H1  A GCU 3  ? ? 1_555 H1  A GC4 5  ? ? 2_654 0.00 
155 1 O   A HOH 15 ? ? 1_555 O   A HOH 25 ? ? 2_654 0.00 
156 1 O6B A GC4 1  ? ? 1_555 O6B A GCU 3  ? ? 2_654 0.00 
157 1 O   A HOH 24 ? ? 1_555 O   A HOH 34 ? ? 2_654 0.00 
158 1 O6B A GCU 3  ? ? 1_555 O6B A GC4 5  ? ? 2_654 0.00 
159 1 H61 A ASG 4  ? ? 1_555 H61 A ASG 6  ? ? 2_654 0.00 
160 1 C4  A GCU 3  ? ? 1_555 C4  A GC4 5  ? ? 2_654 0.00 
161 1 O   A HOH 23 ? ? 1_555 O   A HOH 33 ? ? 2_654 0.00 
162 1 H82 A ASG 4  ? ? 1_555 H82 A ASG 6  ? ? 2_654 0.00 
163 1 O   A HOH 17 ? ? 1_555 O   A HOH 27 ? ? 2_654 0.00 
164 1 C6  A GCU 3  ? ? 1_555 C6  A GC4 5  ? ? 2_654 0.00 
165 1 O   A HOH 13 ? ? 1_555 O   A HOH 23 ? ? 2_654 0.00 
166 1 C1  A GC4 1  ? ? 1_555 C1  A GC4 5  ? ? 3_664 0.00 
167 1 OSC A ASG 2  ? ? 1_555 OSC A ASG 4  ? ? 2_654 0.00 
168 1 O   A HOH 14 ? ? 1_555 O   A HOH 24 ? ? 2_654 0.00 
169 1 H1  A GC4 1  ? ? 1_555 H1  A GC4 5  ? ? 3_664 0.00 
170 1 C1  A GCU 3  ? ? 1_555 C1  A GC4 5  ? ? 2_654 0.00 
171 1 O   A HOH 7  ? ? 1_555 O   A HOH 17 ? ? 2_654 0.00 
172 1 H5  A ASG 2  ? ? 1_555 H5  A ASG 4  ? ? 2_654 0.00 
173 1 O1  A GC4 1  ? ? 1_555 O3  A ASG 2  ? ? 2_654 0.00 
174 1 O1  A GC4 1  ? ? 1_555 O3  A ASG 4  ? ? 3_664 0.00 
175 1 HN2 A ASG 2  ? ? 1_555 N2  A ASG 6  ? ? 3_664 0.95 
176 1 HN2 A ASG 4  ? ? 1_555 N2  A ASG 6  ? ? 2_654 0.95 
177 1 HN2 A ASG 2  ? ? 1_555 N2  A ASG 4  ? ? 2_654 0.95 
178 1 N2  A ASG 2  ? ? 1_555 HN2 A ASG 4  ? ? 2_654 0.95 
179 1 N2  A ASG 2  ? ? 1_555 HN2 A ASG 6  ? ? 3_664 0.95 
180 1 N2  A ASG 4  ? ? 1_555 HN2 A ASG 6  ? ? 2_654 0.95 
181 1 H2  A GCU 3  ? ? 1_555 C2  A GC4 5  ? ? 2_654 1.10 
182 1 C2  A GC4 1  ? ? 1_555 H2  A GCU 3  ? ? 2_654 1.10 
183 1 H2  A GC4 1  ? ? 1_555 C2  A GC4 5  ? ? 3_664 1.10 
184 1 H2  A GC4 1  ? ? 1_555 C2  A GCU 3  ? ? 2_654 1.10 
185 1 C4  A GCU 3  ? ? 1_555 H4  A GC4 5  ? ? 2_654 1.10 
186 1 C4  A GC4 1  ? ? 1_555 H4  A GC4 5  ? ? 3_664 1.10 
187 1 H4  A GC4 1  ? ? 1_555 C4  A GCU 3  ? ? 2_654 1.10 
188 1 C2  A GCU 3  ? ? 1_555 H2  A GC4 5  ? ? 2_654 1.10 
189 1 C2  A GC4 1  ? ? 1_555 H2  A GC4 5  ? ? 3_664 1.10 
190 1 C1  A GC4 1  ? ? 1_555 H1  A GC4 5  ? ? 3_664 1.10 
191 1 C8  A ASG 4  ? ? 1_555 H82 A ASG 6  ? ? 2_654 1.10 
192 1 C4  A ASG 2  ? ? 1_555 H4  A ASG 6  ? ? 3_664 1.10 
193 1 H81 A ASG 4  ? ? 1_555 C8  A ASG 6  ? ? 2_654 1.10 
194 1 C4  A ASG 4  ? ? 1_555 H4  A ASG 6  ? ? 2_654 1.10 
195 1 C4  A GC4 1  ? ? 1_555 H4  A GCU 3  ? ? 2_654 1.10 
196 1 C8  A ASG 2  ? ? 1_555 H82 A ASG 6  ? ? 3_664 1.10 
197 1 H81 A ASG 2  ? ? 1_555 C8  A ASG 6  ? ? 3_664 1.10 
198 1 C1  A GCU 3  ? ? 1_555 H1  A GC4 5  ? ? 2_654 1.10 
199 1 C8  A ASG 4  ? ? 1_555 H81 A ASG 6  ? ? 2_654 1.10 
200 1 H4  A ASG 2  ? ? 1_555 C4  A ASG 4  ? ? 2_654 1.10 
201 1 C6  A ASG 4  ? ? 1_555 H61 A ASG 6  ? ? 2_654 1.10 
202 1 C8  A ASG 2  ? ? 1_555 H81 A ASG 6  ? ? 3_664 1.10 
203 1 C8  A ASG 2  ? ? 1_555 H81 A ASG 4  ? ? 2_654 1.10 
204 1 H4  A ASG 2  ? ? 1_555 C4  A ASG 6  ? ? 3_664 1.10 
205 1 H81 A ASG 2  ? ? 1_555 C8  A ASG 4  ? ? 2_654 1.10 
206 1 C4  A ASG 2  ? ? 1_555 H4  A ASG 4  ? ? 2_654 1.10 
207 1 C1  A GC4 1  ? ? 1_555 H1  A GCU 3  ? ? 2_654 1.10 
208 1 H4  A ASG 4  ? ? 1_555 C4  A ASG 6  ? ? 2_654 1.10 
209 1 H5  A ASG 2  ? ? 1_555 C5  A ASG 6  ? ? 3_664 1.10 
210 1 H4  A GC4 1  ? ? 1_555 C4  A GC4 5  ? ? 3_664 1.10 
211 1 C1  A ASG 4  ? ? 1_555 H1  A ASG 6  ? ? 2_654 1.10 
212 1 H61 A ASG 2  ? ? 1_555 C6  A ASG 4  ? ? 2_654 1.10 
213 1 H82 A ASG 2  ? ? 1_555 C8  A ASG 6  ? ? 3_664 1.10 
214 1 H82 A ASG 4  ? ? 1_555 C8  A ASG 6  ? ? 2_654 1.10 
215 1 H83 A ASG 2  ? ? 1_555 C8  A ASG 4  ? ? 2_654 1.10 
216 1 H82 A ASG 2  ? ? 1_555 C8  A ASG 4  ? ? 2_654 1.10 
217 1 C6  A ASG 2  ? ? 1_555 H61 A ASG 6  ? ? 3_664 1.10 
218 1 H4  A GCU 3  ? ? 1_555 C4  A GC4 5  ? ? 2_654 1.10 
219 1 H1  A GCU 3  ? ? 1_555 C1  A GC4 5  ? ? 2_654 1.10 
220 1 C8  A ASG 4  ? ? 1_555 H83 A ASG 6  ? ? 2_654 1.10 
221 1 C1  A ASG 2  ? ? 1_555 H1  A ASG 6  ? ? 3_664 1.10 
222 1 H1  A ASG 2  ? ? 1_555 C1  A ASG 6  ? ? 3_664 1.10 
223 1 C8  A ASG 2  ? ? 1_555 H83 A ASG 4  ? ? 2_654 1.10 
224 1 H3  A GC4 1  ? ? 1_555 C3  A GCU 3  ? ? 2_654 1.10 
225 1 C3  A GC4 1  ? ? 1_555 H3  A GC4 5  ? ? 3_664 1.10 
226 1 C8  A ASG 2  ? ? 1_555 H82 A ASG 4  ? ? 2_654 1.10 
227 1 H1  A ASG 4  ? ? 1_555 C1  A ASG 6  ? ? 2_654 1.10 
228 1 H5  A ASG 2  ? ? 1_555 C5  A ASG 4  ? ? 2_654 1.10 
229 1 H1  A ASG 2  ? ? 1_555 C1  A ASG 4  ? ? 2_654 1.10 
230 1 H1  A GC4 1  ? ? 1_555 C1  A GCU 3  ? ? 2_654 1.10 
231 1 C3  A GCU 3  ? ? 1_555 H3  A GC4 5  ? ? 2_654 1.10 
232 1 H83 A ASG 4  ? ? 1_555 C8  A ASG 6  ? ? 2_654 1.10 
233 1 C5  A GCU 3  ? ? 1_555 H5  A GC4 5  ? ? 2_654 1.10 
234 1 H5  A ASG 4  ? ? 1_555 C5  A ASG 6  ? ? 2_654 1.10 
235 1 H62 A ASG 4  ? ? 1_555 C6  A ASG 6  ? ? 2_654 1.10 
236 1 H1  A GC4 1  ? ? 1_555 C1  A GC4 5  ? ? 3_664 1.10 
237 1 C3  A ASG 4  ? ? 1_555 H3  A ASG 6  ? ? 2_654 1.10 
238 1 H3  A GC4 1  ? ? 1_555 C3  A GC4 5  ? ? 3_664 1.10 
239 1 C8  A ASG 2  ? ? 1_555 H83 A ASG 6  ? ? 3_664 1.10 
240 1 C6  A ASG 2  ? ? 1_555 H62 A ASG 6  ? ? 3_664 1.10 
241 1 C6  A ASG 2  ? ? 1_555 H61 A ASG 4  ? ? 2_654 1.10 
242 1 C6  A ASG 2  ? ? 1_555 H62 A ASG 4  ? ? 2_654 1.10 
243 1 H5  A GC4 1  ? ? 1_555 C5  A GCU 3  ? ? 2_654 1.10 
244 1 C1  A ASG 2  ? ? 1_555 H1  A ASG 4  ? ? 2_654 1.10 
245 1 H83 A ASG 2  ? ? 1_555 C8  A ASG 6  ? ? 3_664 1.10 
246 1 H62 A ASG 2  ? ? 1_555 C6  A ASG 6  ? ? 3_664 1.10 
247 1 H3  A ASG 2  ? ? 1_555 C3  A ASG 6  ? ? 3_664 1.10 
248 1 H5  A GCU 3  ? ? 1_555 C5  A GC4 5  ? ? 2_654 1.10 
249 1 C5  A GC4 1  ? ? 1_555 H5  A GCU 3  ? ? 2_654 1.10 
250 1 H3  A ASG 2  ? ? 1_555 C3  A ASG 4  ? ? 2_654 1.10 
251 1 H61 A ASG 2  ? ? 1_555 C6  A ASG 6  ? ? 3_664 1.10 
252 1 C3  A ASG 2  ? ? 1_555 H3  A ASG 6  ? ? 3_664 1.10 
253 1 H61 A ASG 4  ? ? 1_555 C6  A ASG 6  ? ? 2_654 1.10 
254 1 C5  A ASG 2  ? ? 1_555 H5  A ASG 4  ? ? 2_654 1.10 
255 1 H3  A ASG 4  ? ? 1_555 C3  A ASG 6  ? ? 2_654 1.10 
256 1 C3  A GC4 1  ? ? 1_555 H3  A GCU 3  ? ? 2_654 1.10 
257 1 C5  A ASG 4  ? ? 1_555 H5  A ASG 6  ? ? 2_654 1.10 
258 1 C5  A ASG 2  ? ? 1_555 H5  A ASG 6  ? ? 3_664 1.10 
259 1 C6  A ASG 4  ? ? 1_555 H62 A ASG 6  ? ? 2_654 1.10 
260 1 C5  A GC4 1  ? ? 1_555 H5  A GC4 5  ? ? 3_664 1.10 
261 1 C3  A ASG 2  ? ? 1_555 H3  A ASG 4  ? ? 2_654 1.10 
262 1 H5  A GC4 1  ? ? 1_555 C5  A GC4 5  ? ? 3_664 1.10 
263 1 H3  A GCU 3  ? ? 1_555 C3  A GC4 5  ? ? 2_654 1.10 
264 1 H62 A ASG 2  ? ? 1_555 C6  A ASG 4  ? ? 2_654 1.10 
265 1 H2  A ASG 2  ? ? 1_555 C2  A ASG 6  ? ? 3_664 1.10 
266 1 H2  A ASG 4  ? ? 1_555 C2  A ASG 6  ? ? 2_654 1.10 
267 1 H2  A ASG 2  ? ? 1_555 C2  A ASG 4  ? ? 2_654 1.10 
268 1 C2  A ASG 4  ? ? 1_555 H2  A ASG 6  ? ? 2_654 1.10 
269 1 C2  A ASG 2  ? ? 1_555 H2  A ASG 4  ? ? 2_654 1.10 
270 1 C2  A ASG 2  ? ? 1_555 H2  A ASG 6  ? ? 3_664 1.10 
271 1 C7  A ASG 4  ? ? 1_555 O7  A ASG 6  ? ? 2_654 1.22 
272 1 C7  A ASG 2  ? ? 1_555 O7  A ASG 6  ? ? 3_664 1.22 
273 1 O7  A ASG 2  ? ? 1_555 C7  A ASG 6  ? ? 3_664 1.22 
274 1 O7  A ASG 2  ? ? 1_555 C7  A ASG 4  ? ? 2_654 1.22 
275 1 O7  A ASG 4  ? ? 1_555 C7  A ASG 6  ? ? 2_654 1.22 
276 1 C7  A ASG 2  ? ? 1_555 O7  A ASG 4  ? ? 2_654 1.22 
277 1 C6  A GCU 3  ? ? 1_555 O6B A GC4 5  ? ? 2_654 1.25 
278 1 C6  A GC4 1  ? ? 1_555 O6B A GCU 3  ? ? 2_654 1.25 
279 1 C6  A GC4 1  ? ? 1_555 O6B A GC4 5  ? ? 3_664 1.25 
280 1 O6B A GC4 1  ? ? 1_555 C6  A GCU 3  ? ? 2_654 1.25 
281 1 O6B A GCU 3  ? ? 1_555 C6  A GC4 5  ? ? 2_654 1.25 
282 1 O6B A GC4 1  ? ? 1_555 C6  A GC4 5  ? ? 3_664 1.25 
283 1 O6A A GC4 1  ? ? 1_555 C6  A GC4 5  ? ? 3_664 1.25 
284 1 O6A A GCU 3  ? ? 1_555 C6  A GC4 5  ? ? 2_654 1.25 
285 1 O6A A GC4 1  ? ? 1_555 C6  A GCU 3  ? ? 2_654 1.25 
286 1 C6  A GC4 1  ? ? 1_555 O6A A GCU 3  ? ? 2_654 1.25 
287 1 C6  A GC4 1  ? ? 1_555 O6A A GC4 5  ? ? 3_664 1.25 
288 1 C6  A GCU 3  ? ? 1_555 O6A A GC4 5  ? ? 2_654 1.25 
289 1 C7  A ASG 2  ? ? 1_555 N2  A ASG 6  ? ? 3_664 1.38 
290 1 N2  A ASG 2  ? ? 1_555 C7  A ASG 4  ? ? 2_654 1.38 
291 1 C7  A ASG 2  ? ? 1_555 N2  A ASG 4  ? ? 2_654 1.38 
292 1 C7  A ASG 4  ? ? 1_555 N2  A ASG 6  ? ? 2_654 1.38 
293 1 N2  A ASG 2  ? ? 1_555 C7  A ASG 6  ? ? 3_664 1.38 
294 1 N2  A ASG 4  ? ? 1_555 C7  A ASG 6  ? ? 2_654 1.38 
295 1 C1  A ASG 2  ? ? 1_555 O4  A GCU 3  ? ? 2_654 1.39 
296 1 O1  A ASG 2  ? ? 1_555 C1  A ASG 6  ? ? 3_664 1.39 
297 1 O4  A GCU 3  ? ? 1_555 C1  A ASG 6  ? ? 2_654 1.39 
298 1 C1  A ASG 2  ? ? 1_555 O1  A ASG 6  ? ? 3_664 1.39 
299 1 O1  A ASG 2  ? ? 1_555 C1  A ASG 4  ? ? 2_654 1.39 
300 1 C1  A ASG 4  ? ? 1_555 O1  A ASG 6  ? ? 2_654 1.39 
301 1 O1  A GC4 1  ? ? 1_555 C1  A GCU 3  ? ? 2_654 1.39 
302 1 O1  A GC4 1  ? ? 1_555 C1  A GC4 5  ? ? 3_664 1.39 
303 1 C1  A GCU 3  ? ? 1_555 O3  A ASG 4  ? ? 2_654 1.39 
304 1 C1  A GC4 1  ? ? 1_555 O3  A ASG 2  ? ? 2_654 1.39 
305 1 C1  A GC4 1  ? ? 1_555 O3  A ASG 4  ? ? 3_664 1.39 
306 1 O3  A ASG 2  ? ? 1_555 C1  A GC4 5  ? ? 2_654 1.39 
307 1 C2  A GC4 1  ? ? 1_555 O2  A GCU 3  ? ? 2_654 1.42 
308 1 C2  A GCU 3  ? ? 1_555 O2  A GC4 5  ? ? 2_654 1.42 
309 1 O2  A GCU 3  ? ? 1_555 C2  A GC4 5  ? ? 2_654 1.42 
310 1 C2  A GC4 1  ? ? 1_555 O2  A GC4 5  ? ? 3_664 1.42 
311 1 O2  A GC4 1  ? ? 1_555 C2  A GCU 3  ? ? 2_654 1.42 
312 1 O2  A GC4 1  ? ? 1_555 C2  A GC4 5  ? ? 3_664 1.43 
313 1 O4  A ASG 4  ? ? 1_555 C4  A ASG 6  ? ? 2_654 1.43 
314 1 O4  A GCU 3  ? ? 1_555 C4  A GC4 5  ? ? 2_654 1.43 
315 1 O4  A ASG 2  ? ? 1_555 C4  A ASG 6  ? ? 3_664 1.43 
316 1 O4  A ASG 2  ? ? 1_555 C4  A ASG 4  ? ? 2_654 1.43 
317 1 C4  A ASG 2  ? ? 1_555 O4  A ASG 4  ? ? 2_654 1.43 
318 1 O1  A ASG 2  ? ? 1_555 C4  A GC4 5  ? ? 3_664 1.43 
319 1 C4  A ASG 4  ? ? 1_555 O4  A ASG 6  ? ? 2_654 1.43 
320 1 C4  A GC4 1  ? ? 1_555 O4  A GCU 3  ? ? 2_654 1.43 
321 1 C4  A ASG 2  ? ? 1_555 O4  A ASG 6  ? ? 3_664 1.43 
322 1 O1  A ASG 2  ? ? 1_555 C4  A GCU 3  ? ? 2_654 1.43 
323 1 C4  A GC4 1  ? ? 1_555 O1  A ASG 6  ? ? 3_664 1.43 
324 1 C6  A ASG 2  ? ? 1_555 O6  A ASG 6  ? ? 3_664 1.43 
325 1 O6  A ASG 2  ? ? 1_555 C6  A ASG 6  ? ? 3_664 1.43 
326 1 O6  A ASG 4  ? ? 1_555 C6  A ASG 6  ? ? 2_654 1.43 
327 1 C4  A GCU 3  ? ? 1_555 O1  A ASG 6  ? ? 2_654 1.43 
328 1 C6  A ASG 2  ? ? 1_555 O6  A ASG 4  ? ? 2_654 1.43 
329 1 C6  A ASG 4  ? ? 1_555 O6  A ASG 6  ? ? 2_654 1.43 
330 1 O6  A ASG 2  ? ? 1_555 C6  A ASG 4  ? ? 2_654 1.43 
331 1 O5  A GCU 3  ? ? 1_555 C1  A GC4 5  ? ? 2_654 1.43 
332 1 O5  A GC4 1  ? ? 1_555 C1  A GC4 5  ? ? 3_664 1.43 
333 1 C1  A GCU 3  ? ? 1_555 O5  A GC4 5  ? ? 2_654 1.43 
334 1 C1  A GC4 1  ? ? 1_555 O5  A GCU 3  ? ? 2_654 1.43 
335 1 O5  A GC4 1  ? ? 1_555 C1  A GCU 3  ? ? 2_654 1.43 
336 1 C1  A GC4 1  ? ? 1_555 O5  A GC4 5  ? ? 3_664 1.43 
337 1 C3  A ASG 2  ? ? 1_555 O3  A ASG 4  ? ? 2_654 1.43 
338 1 O3  A ASG 4  ? ? 1_555 C3  A ASG 6  ? ? 2_654 1.43 
339 1 C3  A GCU 3  ? ? 1_555 O3  A GC4 5  ? ? 2_654 1.43 
340 1 C3  A GC4 1  ? ? 1_555 O3  A GC4 5  ? ? 3_664 1.43 
341 1 C3  A GC4 1  ? ? 1_555 O3  A GCU 3  ? ? 2_654 1.43 
342 1 O3  A ASG 2  ? ? 1_555 C3  A ASG 6  ? ? 3_664 1.43 
343 1 O3  A GC4 1  ? ? 1_555 C3  A GCU 3  ? ? 2_654 1.43 
344 1 O3  A ASG 2  ? ? 1_555 C3  A ASG 4  ? ? 2_654 1.43 
345 1 O3  A GCU 3  ? ? 1_555 C3  A GC4 5  ? ? 2_654 1.43 
346 1 O5  A ASG 2  ? ? 1_555 C1  A ASG 4  ? ? 2_654 1.43 
347 1 O3  A GC4 1  ? ? 1_555 C3  A GC4 5  ? ? 3_664 1.43 
348 1 O1  A GC4 1  ? ? 1_555 C3  A ASG 2  ? ? 2_654 1.43 
349 1 O1  A GC4 1  ? ? 1_555 C3  A ASG 6  ? ? 1_554 1.43 
350 1 O5  A ASG 2  ? ? 1_555 C1  A ASG 6  ? ? 3_664 1.43 
351 1 O1  A GC4 1  ? ? 1_555 C3  A ASG 4  ? ? 3_664 1.43 
352 1 C1  A ASG 4  ? ? 1_555 O5  A ASG 6  ? ? 2_654 1.43 
353 1 C1  A ASG 2  ? ? 1_555 O5  A ASG 4  ? ? 2_654 1.43 
354 1 O5  A ASG 4  ? ? 1_555 C1  A ASG 6  ? ? 2_654 1.43 
355 1 C1  A ASG 2  ? ? 1_555 O5  A ASG 6  ? ? 3_664 1.43 
356 1 O5  A ASG 4  ? ? 1_555 C5  A ASG 6  ? ? 2_654 1.43 
357 1 C5  A ASG 2  ? ? 1_555 O5  A ASG 4  ? ? 2_654 1.43 
358 1 C5  A ASG 2  ? ? 1_555 O5  A ASG 6  ? ? 3_664 1.43 
359 1 O5  A ASG 2  ? ? 1_555 C5  A ASG 6  ? ? 3_664 1.43 
360 1 C5  A ASG 4  ? ? 1_555 O5  A ASG 6  ? ? 2_654 1.43 
361 1 O5  A ASG 2  ? ? 1_555 C5  A ASG 4  ? ? 2_654 1.43 
362 1 C5  A GC4 1  ? ? 1_555 O5  A GCU 3  ? ? 2_654 1.44 
363 1 O5  A GCU 3  ? ? 1_555 C5  A GC4 5  ? ? 2_654 1.44 
364 1 O5  A GC4 1  ? ? 1_555 C5  A GC4 5  ? ? 3_664 1.44 
365 1 C5  A GC4 1  ? ? 1_555 O5  A GC4 5  ? ? 3_664 1.44 
366 1 O5  A GC4 1  ? ? 1_555 C5  A GCU 3  ? ? 2_654 1.44 
367 1 C5  A GCU 3  ? ? 1_555 O5  A GC4 5  ? ? 2_654 1.44 
368 1 OSC A ASG 2  ? ? 1_555 S   A ASG 6  ? ? 3_664 1.45 
369 1 S   A ASG 2  ? ? 1_555 OSC A ASG 6  ? ? 3_664 1.45 
370 1 OSB A ASG 2  ? ? 1_555 S   A ASG 6  ? ? 3_664 1.45 
371 1 OSB A ASG 4  ? ? 1_555 S   A ASG 6  ? ? 2_654 1.45 
372 1 OSC A ASG 2  ? ? 1_555 S   A ASG 4  ? ? 2_654 1.45 
373 1 S   A ASG 2  ? ? 1_555 OSC A ASG 4  ? ? 2_654 1.45 
374 1 OSC A ASG 4  ? ? 1_555 S   A ASG 6  ? ? 2_654 1.45 
375 1 S   A ASG 4  ? ? 1_555 OSB A ASG 6  ? ? 2_654 1.45 
376 1 S   A ASG 4  ? ? 1_555 OSC A ASG 6  ? ? 2_654 1.45 
377 1 OSB A ASG 2  ? ? 1_555 S   A ASG 4  ? ? 2_654 1.45 
378 1 S   A ASG 2  ? ? 1_555 OSB A ASG 6  ? ? 3_664 1.45 
379 1 S   A ASG 2  ? ? 1_555 OSB A ASG 4  ? ? 2_654 1.45 
380 1 OSA A ASG 2  ? ? 1_555 S   A ASG 4  ? ? 2_654 1.45 
381 1 S   A ASG 2  ? ? 1_555 OSA A ASG 4  ? ? 2_654 1.45 
382 1 S   A ASG 4  ? ? 1_555 OSA A ASG 6  ? ? 2_654 1.45 
383 1 S   A ASG 2  ? ? 1_555 OSA A ASG 6  ? ? 3_664 1.45 
384 1 OSA A ASG 2  ? ? 1_555 S   A ASG 6  ? ? 3_664 1.45 
385 1 OSA A ASG 4  ? ? 1_555 S   A ASG 6  ? ? 2_654 1.45 
386 1 C2  A ASG 2  ? ? 1_555 N2  A ASG 4  ? ? 2_654 1.48 
387 1 N2  A ASG 4  ? ? 1_555 C2  A ASG 6  ? ? 2_654 1.48 
388 1 N2  A ASG 2  ? ? 1_555 C2  A ASG 4  ? ? 2_654 1.48 
389 1 N2  A ASG 2  ? ? 1_555 C2  A ASG 6  ? ? 3_664 1.48 
390 1 C2  A ASG 4  ? ? 1_555 N2  A ASG 6  ? ? 2_654 1.48 
391 1 C2  A ASG 2  ? ? 1_555 N2  A ASG 6  ? ? 3_664 1.48 
392 1 C8  A ASG 2  ? ? 1_555 C7  A ASG 6  ? ? 3_664 1.51 
393 1 C7  A ASG 2  ? ? 1_555 C8  A ASG 6  ? ? 3_664 1.51 
394 1 C8  A ASG 2  ? ? 1_555 C7  A ASG 4  ? ? 2_654 1.51 
395 1 C7  A ASG 4  ? ? 1_555 C8  A ASG 6  ? ? 2_654 1.51 
396 1 C7  A ASG 2  ? ? 1_555 C8  A ASG 4  ? ? 2_654 1.51 
397 1 C8  A ASG 4  ? ? 1_555 C7  A ASG 6  ? ? 2_654 1.51 
398 1 C5  A ASG 2  ? ? 1_555 C6  A ASG 4  ? ? 2_654 1.51 
399 1 C5  A ASG 4  ? ? 1_555 C6  A ASG 6  ? ? 2_654 1.51 
400 1 C6  A ASG 2  ? ? 1_555 C5  A ASG 4  ? ? 2_654 1.51 
401 1 C5  A ASG 2  ? ? 1_555 C6  A ASG 6  ? ? 3_664 1.51 
402 1 C6  A ASG 4  ? ? 1_555 C5  A ASG 6  ? ? 2_654 1.51 
403 1 C6  A ASG 2  ? ? 1_555 C5  A ASG 6  ? ? 3_664 1.51 
404 1 C5  A GC4 1  ? ? 1_555 C6  A GC4 5  ? ? 3_664 1.51 
405 1 C5  A GC4 1  ? ? 1_555 C6  A GCU 3  ? ? 2_654 1.51 
406 1 C6  A GC4 1  ? ? 1_555 C5  A GC4 5  ? ? 3_664 1.51 
407 1 C5  A GCU 3  ? ? 1_555 C6  A GC4 5  ? ? 2_654 1.51 
408 1 C6  A GCU 3  ? ? 1_555 C5  A GC4 5  ? ? 2_654 1.51 
409 1 C6  A GC4 1  ? ? 1_555 C5  A GCU 3  ? ? 2_654 1.51 
410 1 C2  A GC4 1  ? ? 1_555 C3  A GC4 5  ? ? 3_664 1.52 
411 1 C2  A GCU 3  ? ? 1_555 C3  A GC4 5  ? ? 2_654 1.52 
412 1 C2  A GC4 1  ? ? 1_555 C3  A GCU 3  ? ? 2_654 1.52 
413 1 C3  A ASG 2  ? ? 1_555 C2  A ASG 6  ? ? 3_664 1.52 
414 1 C3  A ASG 2  ? ? 1_555 C2  A ASG 4  ? ? 2_654 1.52 
415 1 C2  A ASG 2  ? ? 1_555 C3  A ASG 6  ? ? 3_664 1.52 
416 1 C3  A GC4 1  ? ? 1_555 C2  A GCU 3  ? ? 2_654 1.52 
417 1 C2  A ASG 4  ? ? 1_555 C3  A ASG 6  ? ? 2_654 1.52 
418 1 C2  A ASG 2  ? ? 1_555 C3  A ASG 4  ? ? 2_654 1.52 
419 1 C3  A GCU 3  ? ? 1_555 C2  A GC4 5  ? ? 2_654 1.52 
420 1 C3  A ASG 4  ? ? 1_555 C2  A ASG 6  ? ? 2_654 1.52 
421 1 C3  A GC4 1  ? ? 1_555 C2  A GC4 5  ? ? 3_664 1.52 
422 1 C2  A GC4 1  ? ? 1_555 C1  A GC4 5  ? ? 3_664 1.52 
423 1 C2  A GCU 3  ? ? 1_555 C1  A GC4 5  ? ? 2_654 1.52 
424 1 C1  A GC4 1  ? ? 1_555 C2  A GC4 5  ? ? 3_664 1.52 
425 1 C1  A GCU 3  ? ? 1_555 C2  A GC4 5  ? ? 2_654 1.52 
426 1 C2  A GC4 1  ? ? 1_555 C1  A GCU 3  ? ? 2_654 1.52 
427 1 C1  A ASG 2  ? ? 1_555 C2  A ASG 4  ? ? 2_654 1.52 
428 1 C1  A ASG 2  ? ? 1_555 C2  A ASG 6  ? ? 3_664 1.52 
429 1 C2  A ASG 2  ? ? 1_555 C1  A ASG 6  ? ? 3_664 1.52 
430 1 C4  A ASG 2  ? ? 1_555 C3  A ASG 4  ? ? 2_654 1.52 
431 1 C1  A GC4 1  ? ? 1_555 C2  A GCU 3  ? ? 2_654 1.52 
432 1 C2  A ASG 2  ? ? 1_555 C1  A ASG 4  ? ? 2_654 1.52 
433 1 C3  A ASG 4  ? ? 1_555 C4  A ASG 6  ? ? 2_654 1.52 
434 1 C2  A ASG 4  ? ? 1_555 C1  A ASG 6  ? ? 2_654 1.52 
435 1 C1  A ASG 4  ? ? 1_555 C2  A ASG 6  ? ? 2_654 1.52 
436 1 C4  A ASG 2  ? ? 1_555 C3  A ASG 6  ? ? 3_664 1.52 
437 1 C4  A ASG 4  ? ? 1_555 C3  A ASG 6  ? ? 2_654 1.52 
438 1 C3  A ASG 2  ? ? 1_555 C4  A ASG 4  ? ? 2_654 1.52 
439 1 C3  A ASG 2  ? ? 1_555 C4  A ASG 6  ? ? 3_664 1.52 
440 1 C4  A GC4 1  ? ? 1_555 C3  A GC4 5  ? ? 3_664 1.52 
441 1 C4  A GCU 3  ? ? 1_555 C3  A GC4 5  ? ? 2_654 1.52 
442 1 C3  A GCU 3  ? ? 1_555 C4  A GC4 5  ? ? 2_654 1.52 
443 1 C3  A GC4 1  ? ? 1_555 C4  A GC4 5  ? ? 3_664 1.52 
444 1 C4  A GC4 1  ? ? 1_555 C3  A GCU 3  ? ? 2_654 1.52 
445 1 C3  A GC4 1  ? ? 1_555 C4  A GCU 3  ? ? 2_654 1.52 
446 1 C5  A GCU 3  ? ? 1_555 C4  A GC4 5  ? ? 2_654 1.52 
447 1 C4  A GCU 3  ? ? 1_555 C5  A GC4 5  ? ? 2_654 1.52 
448 1 C4  A GC4 1  ? ? 1_555 C5  A GC4 5  ? ? 3_664 1.52 
449 1 C4  A GC4 1  ? ? 1_555 C5  A GCU 3  ? ? 2_654 1.52 
450 1 C5  A GC4 1  ? ? 1_555 C4  A GC4 5  ? ? 3_664 1.52 
451 1 C5  A GC4 1  ? ? 1_555 C4  A GCU 3  ? ? 2_654 1.52 
452 1 C4  A ASG 2  ? ? 1_555 C5  A ASG 4  ? ? 2_654 1.52 
453 1 C5  A ASG 2  ? ? 1_555 C4  A ASG 4  ? ? 2_654 1.52 
454 1 C4  A ASG 2  ? ? 1_555 C5  A ASG 6  ? ? 3_664 1.52 
455 1 C4  A ASG 4  ? ? 1_555 C5  A ASG 6  ? ? 2_654 1.52 
456 1 C5  A ASG 2  ? ? 1_555 C4  A ASG 6  ? ? 3_664 1.52 
457 1 C5  A ASG 4  ? ? 1_555 C4  A ASG 6  ? ? 2_654 1.52 
458 1 O4  A ASG 2  ? ? 1_555 S   A ASG 4  ? ? 2_654 1.60 
459 1 S   A ASG 4  ? ? 1_555 O4  A ASG 6  ? ? 2_654 1.60 
460 1 S   A ASG 2  ? ? 1_555 O4  A ASG 6  ? ? 3_664 1.60 
461 1 S   A ASG 2  ? ? 1_555 O4  A ASG 4  ? ? 2_654 1.60 
462 1 O4  A ASG 2  ? ? 1_555 S   A ASG 6  ? ? 3_664 1.60 
463 1 O4  A ASG 4  ? ? 1_555 S   A ASG 6  ? ? 2_654 1.60 
464 1 O   A HOH 16 ? ? 1_555 O   A HOH 24 ? ? 2_654 2.04 
465 1 O   A HOH 24 ? ? 1_555 O   A HOH 36 ? ? 2_654 2.04 
466 1 O   A HOH 16 ? ? 1_555 O   A HOH 34 ? ? 3_664 2.04 
467 1 O   A HOH 14 ? ? 1_555 O   A HOH 26 ? ? 2_654 2.04 
468 1 O   A HOH 14 ? ? 1_555 O   A HOH 36 ? ? 3_664 2.04 
469 1 O   A HOH 26 ? ? 1_555 O   A HOH 34 ? ? 2_654 2.04 
470 1 O   A HOH 16 ? ? 1_555 O   A HOH 25 ? ? 2_654 2.09 
471 1 O   A HOH 16 ? ? 1_555 O   A HOH 35 ? ? 3_664 2.09 
472 1 O   A HOH 26 ? ? 1_555 O   A HOH 35 ? ? 2_654 2.09 
473 1 O   A HOH 25 ? ? 1_555 O   A HOH 36 ? ? 2_654 2.09 
474 1 O   A HOH 15 ? ? 1_555 O   A HOH 26 ? ? 2_654 2.09 
475 1 O   A HOH 15 ? ? 1_555 O   A HOH 36 ? ? 3_664 2.09 
# 
_pdbx_validate_chiral.id              1 
_pdbx_validate_chiral.PDB_model_num   1 
_pdbx_validate_chiral.auth_atom_id    C1 
_pdbx_validate_chiral.label_alt_id    ? 
_pdbx_validate_chiral.auth_asym_id    A 
_pdbx_validate_chiral.auth_comp_id    GCU 
_pdbx_validate_chiral.auth_seq_id     3 
_pdbx_validate_chiral.PDB_ins_code    ? 
_pdbx_validate_chiral.details         'WRONG HAND' 
_pdbx_validate_chiral.omega           . 
# 
loop_
_chem_comp_atom.comp_id 
_chem_comp_atom.atom_id 
_chem_comp_atom.type_symbol 
_chem_comp_atom.pdbx_aromatic_flag 
_chem_comp_atom.pdbx_stereo_config 
_chem_comp_atom.pdbx_ordinal 
ASG C1   C  N R 1  
ASG C2   C  N R 2  
ASG C3   C  N R 3  
ASG C4   C  N R 4  
ASG C5   C  N R 5  
ASG C6   C  N N 6  
ASG C7   C  N N 7  
ASG C8   C  N N 8  
ASG O1   O  N N 9  
ASG N2   N  N N 10 
ASG O3   O  N N 11 
ASG O4   O  N N 12 
ASG O5   O  N N 13 
ASG O6   O  N N 14 
ASG O7   O  N N 15 
ASG OSA  O  N N 16 
ASG OSB  O  N N 17 
ASG OSC  O  N N 18 
ASG S    S  N N 19 
ASG H1   H  N N 20 
ASG H2   H  N N 21 
ASG H3   H  N N 22 
ASG H4   H  N N 23 
ASG H5   H  N N 24 
ASG H61  H  N N 25 
ASG H62  H  N N 26 
ASG H81  H  N N 27 
ASG H82  H  N N 28 
ASG H83  H  N N 29 
ASG HO1  H  N N 30 
ASG HN2  H  N N 31 
ASG HO3  H  N N 32 
ASG HO6  H  N N 33 
ASG HOA  H  N N 34 
GC4 C1   C  N R 35 
GC4 C2   C  N R 36 
GC4 C3   C  N S 37 
GC4 C4   C  N N 38 
GC4 C5   C  N S 39 
GC4 O5   O  N N 40 
GC4 C6   C  N N 41 
GC4 O6A  O  N N 42 
GC4 O6B  O  N N 43 
GC4 O2   O  N N 44 
GC4 O3   O  N N 45 
GC4 O1   O  N N 46 
GC4 H1   H  N N 47 
GC4 H2   H  N N 48 
GC4 H3   H  N N 49 
GC4 H4   H  N N 50 
GC4 H42  H  N N 51 
GC4 H5   H  N N 52 
GC4 HO6B H  N N 53 
GC4 HO2  H  N N 54 
GC4 HO3  H  N N 55 
GC4 HO1  H  N N 56 
GCU C1   C  N S 57 
GCU C2   C  N R 58 
GCU C3   C  N S 59 
GCU C4   C  N S 60 
GCU C5   C  N S 61 
GCU C6   C  N N 62 
GCU O1   O  N N 63 
GCU O2   O  N N 64 
GCU O3   O  N N 65 
GCU O4   O  N N 66 
GCU O5   O  N N 67 
GCU O6A  O  N N 68 
GCU O6B  O  N N 69 
GCU H1   H  N N 70 
GCU H2   H  N N 71 
GCU H3   H  N N 72 
GCU H4   H  N N 73 
GCU H5   H  N N 74 
GCU HO1  H  N N 75 
GCU HO2  H  N N 76 
GCU HO3  H  N N 77 
GCU HO4  H  N N 78 
GCU HO6B H  N N 79 
HOH O    O  N N 80 
HOH H1   H  N N 81 
HOH H2   H  N N 82 
NA  NA   NA N N 83 
# 
loop_
_chem_comp_bond.comp_id 
_chem_comp_bond.atom_id_1 
_chem_comp_bond.atom_id_2 
_chem_comp_bond.value_order 
_chem_comp_bond.pdbx_aromatic_flag 
_chem_comp_bond.pdbx_stereo_config 
_chem_comp_bond.pdbx_ordinal 
ASG C1  C2   sing N N 1  
ASG C1  O1   sing N N 2  
ASG C1  O5   sing N N 3  
ASG C1  H1   sing N N 4  
ASG C2  C3   sing N N 5  
ASG C2  N2   sing N N 6  
ASG C2  H2   sing N N 7  
ASG C3  C4   sing N N 8  
ASG C3  O3   sing N N 9  
ASG C3  H3   sing N N 10 
ASG C4  C5   sing N N 11 
ASG C4  O4   sing N N 12 
ASG C4  H4   sing N N 13 
ASG C5  C6   sing N N 14 
ASG C5  O5   sing N N 15 
ASG C5  H5   sing N N 16 
ASG C6  O6   sing N N 17 
ASG C6  H61  sing N N 18 
ASG C6  H62  sing N N 19 
ASG C7  C8   sing N N 20 
ASG C7  N2   sing N N 21 
ASG C7  O7   doub N N 22 
ASG C8  H81  sing N N 23 
ASG C8  H82  sing N N 24 
ASG C8  H83  sing N N 25 
ASG O1  HO1  sing N N 26 
ASG N2  HN2  sing N N 27 
ASG O3  HO3  sing N N 28 
ASG O4  S    sing N N 29 
ASG O6  HO6  sing N N 30 
ASG OSA S    sing N N 31 
ASG OSA HOA  sing N N 32 
ASG OSB S    doub N N 33 
ASG OSC S    doub N N 34 
GC4 C1  C2   sing N N 35 
GC4 C1  O5   sing N N 36 
GC4 C1  O1   sing N N 37 
GC4 C1  H1   sing N N 38 
GC4 C2  C3   sing N N 39 
GC4 C2  O2   sing N N 40 
GC4 C2  H2   sing N N 41 
GC4 C3  C4   sing N N 42 
GC4 C3  O3   sing N N 43 
GC4 C3  H3   sing N N 44 
GC4 C4  C5   sing N N 45 
GC4 C4  H4   sing N N 46 
GC4 C4  H42  sing N N 47 
GC4 C5  O5   sing N N 48 
GC4 C5  C6   sing N N 49 
GC4 C5  H5   sing N N 50 
GC4 C6  O6A  doub N N 51 
GC4 C6  O6B  sing N N 52 
GC4 O6B HO6B sing N N 53 
GC4 O2  HO2  sing N N 54 
GC4 O3  HO3  sing N N 55 
GC4 O1  HO1  sing N N 56 
GCU C1  C2   sing N N 57 
GCU C1  O1   sing N N 58 
GCU C1  O5   sing N N 59 
GCU C1  H1   sing N N 60 
GCU C2  C3   sing N N 61 
GCU C2  O2   sing N N 62 
GCU C2  H2   sing N N 63 
GCU C3  C4   sing N N 64 
GCU C3  O3   sing N N 65 
GCU C3  H3   sing N N 66 
GCU C4  C5   sing N N 67 
GCU C4  O4   sing N N 68 
GCU C4  H4   sing N N 69 
GCU C5  C6   sing N N 70 
GCU C5  O5   sing N N 71 
GCU C5  H5   sing N N 72 
GCU C6  O6A  doub N N 73 
GCU C6  O6B  sing N N 74 
GCU O1  HO1  sing N N 75 
GCU O2  HO2  sing N N 76 
GCU O3  HO3  sing N N 77 
GCU O4  HO4  sing N N 78 
GCU O6B HO6B sing N N 79 
HOH O   H1   sing N N 80 
HOH O   H2   sing N N 81 
# 
loop_
_pdbx_entity_branch_list.entity_id 
_pdbx_entity_branch_list.comp_id 
_pdbx_entity_branch_list.num 
_pdbx_entity_branch_list.hetero 
1 GC4 1 n 
1 ASG 2 n 
1 GCU 3 n 
1 ASG 4 n 
1 GC4 5 n 
1 ASG 6 n 
# 
_atom_sites.entry_id                    1C4S 
_atom_sites.fract_transf_matrix[1][1]   -0.05165278 
_atom_sites.fract_transf_matrix[1][2]   -0.05296739 
_atom_sites.fract_transf_matrix[1][3]   -0.02916636 
_atom_sites.fract_transf_matrix[2][1]   -0.00355470 
_atom_sites.fract_transf_matrix[2][2]   -0.01308278 
_atom_sites.fract_transf_matrix[2][3]   -0.07836090 
_atom_sites.fract_transf_matrix[3][1]   0.02429940 
_atom_sites.fract_transf_matrix[3][2]   -0.02542692 
_atom_sites.fract_transf_matrix[3][3]   0.00314286 
_atom_sites.fract_transf_vector[1]      0.666671 
_atom_sites.fract_transf_vector[2]      0.333334 
_atom_sites.fract_transf_vector[3]      0.425103 
# 
loop_
_atom_type.symbol 
C  
H  
N  
NA 
O  
S  
# 
loop_
_atom_site.group_PDB 
_atom_site.id 
_atom_site.type_symbol 
_atom_site.label_atom_id 
_atom_site.label_alt_id 
_atom_site.label_comp_id 
_atom_site.label_asym_id 
_atom_site.label_entity_id 
_atom_site.label_seq_id 
_atom_site.pdbx_PDB_ins_code 
_atom_site.Cartn_x 
_atom_site.Cartn_y 
_atom_site.Cartn_z 
_atom_site.occupancy 
_atom_site.B_iso_or_equiv 
_atom_site.pdbx_formal_charge 
_atom_site.auth_seq_id 
_atom_site.auth_comp_id 
_atom_site.auth_asym_id 
_atom_site.auth_atom_id 
_atom_site.pdbx_PDB_model_num 
HETATM 1   C  C1  . GC4 A 1 . ? -10.020 9.545   -2.432 1.00 0.00 ? 1  GC4 A C1  1 
HETATM 2   C  C2  . GC4 A 1 . ? -10.694 8.181   -2.456 1.00 0.00 ? 1  GC4 A C2  1 
HETATM 3   C  C3  . GC4 A 1 . ? -10.049 7.248   -1.444 1.00 0.00 ? 1  GC4 A C3  1 
HETATM 4   C  C4  . GC4 A 1 . ? -8.542  7.193   -1.664 1.00 0.00 ? 1  GC4 A C4  1 
HETATM 5   C  C5  . GC4 A 1 . ? -7.964  8.604   -1.697 1.00 0.00 ? 1  GC4 A C5  1 
HETATM 6   O  O5  . GC4 A 1 . ? -8.626  9.389   -2.701 1.00 0.00 ? 1  GC4 A O5  1 
HETATM 7   C  C6  . GC4 A 1 . ? -6.486  8.621   -2.025 1.00 0.00 ? 1  GC4 A C6  1 
HETATM 8   O  O6A . GC4 A 1 . ? -5.757  9.162   -1.163 1.00 0.00 ? 1  GC4 A O6A 1 
HETATM 9   O  O6B . GC4 A 1 . ? -6.182  8.096   -3.118 1.00 0.00 ? 1  GC4 A O6B 1 
HETATM 10  O  O2  . GC4 A 1 . ? -12.084 8.338   -2.182 1.00 0.00 ? 1  GC4 A O2  1 
HETATM 11  O  O3  . GC4 A 1 . ? -10.603 5.938   -1.575 1.00 0.00 ? 1  GC4 A O3  1 
HETATM 12  O  O1  . GC4 A 1 . ? -10.552 10.316  -3.458 1.00 0.00 ? 1  GC4 A O1  1 
HETATM 13  H  H1  . GC4 A 1 . ? -10.154 10.007  -1.443 1.00 0.00 ? 1  GC4 A H1  1 
HETATM 14  H  H2  . GC4 A 1 . ? -10.612 7.746   -3.462 1.00 0.00 ? 1  GC4 A H2  1 
HETATM 15  H  H3  . GC4 A 1 . ? -10.259 7.609   -0.426 1.00 0.00 ? 1  GC4 A H3  1 
HETATM 16  H  H4  . GC4 A 1 . ? -8.328  6.687   -2.617 1.00 0.00 ? 1  GC4 A H4  1 
HETATM 17  H  H5  . GC4 A 1 . ? -8.099  9.080   -0.713 1.00 0.00 ? 1  GC4 A H5  1 
HETATM 18  C  C1  . ASG A 1 . ? -7.378  5.230   -0.945 1.00 0.00 ? 2  ASG A C1  1 
HETATM 19  C  C2  . ASG A 1 . ? -6.393  4.822   0.142  1.00 0.00 ? 2  ASG A C2  1 
HETATM 20  C  C3  . ASG A 1 . ? -5.885  3.410   -0.100 1.00 0.00 ? 2  ASG A C3  1 
HETATM 21  C  C4  . ASG A 1 . ? -7.054  2.448   -0.265 1.00 0.00 ? 2  ASG A C4  1 
HETATM 22  C  C5  . ASG A 1 . ? -8.022  2.970   -1.321 1.00 0.00 ? 2  ASG A C5  1 
HETATM 23  C  C6  . ASG A 1 . ? -9.265  2.117   -1.450 1.00 0.00 ? 2  ASG A C6  1 
HETATM 24  C  C7  . ASG A 1 . ? -4.973  6.424   1.361  1.00 0.00 ? 2  ASG A C7  1 
HETATM 25  C  C8  . ASG A 1 . ? -3.808  7.377   1.247  1.00 0.00 ? 2  ASG A C8  1 
HETATM 26  O  O1  . ASG A 1 . ? -7.913  6.466   -0.610 1.00 0.00 ? 2  ASG A O1  1 
HETATM 27  N  N2  . ASG A 1 . ? -5.271  5.785   0.175  1.00 0.00 ? 2  ASG A N2  1 
HETATM 28  O  O3  . ASG A 1 . ? -5.072  2.996   1.000  1.00 0.00 ? 2  ASG A O3  1 
HETATM 29  O  O4  . ASG A 1 . ? -7.751  2.297   0.970  1.00 0.00 ? 2  ASG A O4  1 
HETATM 30  O  O5  . ASG A 1 . ? -8.458  4.294   -0.980 1.00 0.00 ? 2  ASG A O5  1 
HETATM 31  O  O6  . ASG A 1 . ? -10.423 2.787   -0.953 1.00 0.00 ? 2  ASG A O6  1 
HETATM 32  O  O7  . ASG A 1 . ? -5.586  6.237   2.399  1.00 0.00 ? 2  ASG A O7  1 
HETATM 33  O  OSA . ASG A 1 . ? -6.037  0.546   1.422  1.00 0.00 ? 2  ASG A OSA 1 
HETATM 34  O  OSB . ASG A 1 . ? -8.047  0.507   2.679  1.00 0.00 ? 2  ASG A OSB 1 
HETATM 35  O  OSC . ASG A 1 . ? -6.429  2.188   3.080  1.00 0.00 ? 2  ASG A OSC 1 
HETATM 36  S  S   . ASG A 1 . ? -7.051  1.363   2.063  1.00 0.00 ? 2  ASG A S   1 
HETATM 37  H  H1  . ASG A 1 . ? -6.865  5.236   -1.919 1.00 0.00 ? 2  ASG A H1  1 
HETATM 38  H  H2  . ASG A 1 . ? -6.890  4.870   1.125  1.00 0.00 ? 2  ASG A H2  1 
HETATM 39  H  H3  . ASG A 1 . ? -5.266  3.393   -1.010 1.00 0.00 ? 2  ASG A H3  1 
HETATM 40  H  H4  . ASG A 1 . ? -6.678  1.463   -0.578 1.00 0.00 ? 2  ASG A H4  1 
HETATM 41  H  H5  . ASG A 1 . ? -7.519  2.987   -2.299 1.00 0.00 ? 2  ASG A H5  1 
HETATM 42  H  H61 . ASG A 1 . ? -9.436  1.874   -2.510 1.00 0.00 ? 2  ASG A H61 1 
HETATM 43  H  H62 . ASG A 1 . ? -9.132  1.185   -0.878 1.00 0.00 ? 2  ASG A H62 1 
HETATM 44  H  H81 . ASG A 1 . ? -2.964  6.869   0.758  1.00 0.00 ? 2  ASG A H81 1 
HETATM 45  H  H82 . ASG A 1 . ? -4.105  8.251   0.648  1.00 0.00 ? 2  ASG A H82 1 
HETATM 46  H  H83 . ASG A 1 . ? -3.503  7.707   2.252  1.00 0.00 ? 2  ASG A H83 1 
HETATM 47  H  HN2 . ASG A 1 . ? -4.770  5.957   -0.614 1.00 0.00 ? 2  ASG A HN2 1 
HETATM 48  C  C1  . GCU A 1 . ? -3.711  2.858   0.749  1.00 0.00 ? 3  GCU A C1  1 
HETATM 49  C  C2  . GCU A 1 . ? -2.961  3.021   2.064  1.00 0.00 ? 3  GCU A C2  1 
HETATM 50  C  C3  . GCU A 1 . ? -1.479  2.738   1.872  1.00 0.00 ? 3  GCU A C3  1 
HETATM 51  C  C4  . GCU A 1 . ? -1.284  1.376   1.216  1.00 0.00 ? 3  GCU A C4  1 
HETATM 52  C  C5  . GCU A 1 . ? -2.124  1.278   -0.052 1.00 0.00 ? 3  GCU A C5  1 
HETATM 53  C  C6  . GCU A 1 . ? -2.061  -0.094  -0.689 1.00 0.00 ? 3  GCU A C6  1 
HETATM 54  O  O2  . GCU A 1 . ? -3.162  4.341   2.559  1.00 0.00 ? 3  GCU A O2  1 
HETATM 55  O  O3  . GCU A 1 . ? -0.817  2.763   3.137  1.00 0.00 ? 3  GCU A O3  1 
HETATM 56  O  O4  . GCU A 1 . ? 0.087   1.185   0.871  1.00 0.00 ? 3  GCU A O4  1 
HETATM 57  O  O5  . GCU A 1 . ? -3.505  1.537   0.247  1.00 0.00 ? 3  GCU A O5  1 
HETATM 58  O  O6A . GCU A 1 . ? -1.651  -0.111  -1.872 1.00 0.00 ? 3  GCU A O6A 1 
HETATM 59  O  O6B . GCU A 1 . ? -2.429  -1.034  0.046  1.00 0.00 ? 3  GCU A O6B 1 
HETATM 60  H  H1  . GCU A 1 . ? -3.339  3.591   0.018  1.00 0.00 ? 3  GCU A H1  1 
HETATM 61  H  H2  . GCU A 1 . ? -3.373  2.330   2.812  1.00 0.00 ? 3  GCU A H2  1 
HETATM 62  H  H3  . GCU A 1 . ? -1.035  3.520   1.236  1.00 0.00 ? 3  GCU A H3  1 
HETATM 63  H  H4  . GCU A 1 . ? -1.582  0.584   1.918  1.00 0.00 ? 3  GCU A H4  1 
HETATM 64  H  H5  . GCU A 1 . ? -1.766  2.012   -0.789 1.00 0.00 ? 3  GCU A H5  1 
HETATM 65  C  C1  . ASG A 1 . ? 0.784   0.235   1.605  1.00 0.00 ? 4  ASG A C1  1 
HETATM 66  C  C2  . ASG A 1 . ? 2.041   -0.142  0.833  1.00 0.00 ? 4  ASG A C2  1 
HETATM 67  C  C3  . ASG A 1 . ? 2.915   -1.073  1.659  1.00 0.00 ? 4  ASG A C3  1 
HETATM 68  C  C4  . ASG A 1 . ? 3.192   -0.462  3.026  1.00 0.00 ? 4  ASG A C4  1 
HETATM 69  C  C5  . ASG A 1 . ? 1.885   -0.052  3.695  1.00 0.00 ? 4  ASG A C5  1 
HETATM 70  C  C6  . ASG A 1 . ? 2.100   0.666   5.009  1.00 0.00 ? 4  ASG A C6  1 
HETATM 71  C  C7  . ASG A 1 . ? 2.145   -0.253  -1.626 1.00 0.00 ? 4  ASG A C7  1 
HETATM 72  C  C8  . ASG A 1 . ? 1.673   -1.001  -2.850 1.00 0.00 ? 4  ASG A C8  1 
HETATM 73  N  N2  . ASG A 1 . ? 1.659   -0.779  -0.446 1.00 0.00 ? 4  ASG A N2  1 
HETATM 74  O  O3  . ASG A 1 . ? 4.149   -1.305  0.976  1.00 0.00 ? 4  ASG A O3  1 
HETATM 75  O  O4  . ASG A 1 . ? 4.030   0.684   2.899  1.00 0.00 ? 4  ASG A O4  1 
HETATM 76  O  O5  . ASG A 1 . ? 1.155   0.844   2.845  1.00 0.00 ? 4  ASG A O5  1 
HETATM 77  O  O6  . ASG A 1 . ? 1.766   2.051   4.918  1.00 0.00 ? 4  ASG A O6  1 
HETATM 78  O  O7  . ASG A 1 . ? 2.883   0.717   -1.677 1.00 0.00 ? 4  ASG A O7  1 
HETATM 79  O  OSA . ASG A 1 . ? 5.880   -0.983  2.978  1.00 0.00 ? 4  ASG A OSA 1 
HETATM 80  O  OSB . ASG A 1 . ? 6.383   1.283   3.461  1.00 0.00 ? 4  ASG A OSB 1 
HETATM 81  O  OSC . ASG A 1 . ? 5.889   0.625   1.241  1.00 0.00 ? 4  ASG A OSC 1 
HETATM 82  S  S   . ASG A 1 . ? 5.581   0.396   2.640  1.00 0.00 ? 4  ASG A S   1 
HETATM 83  H  H1  . ASG A 1 . ? 0.191   -0.670  1.804  1.00 0.00 ? 4  ASG A H1  1 
HETATM 84  H  H2  . ASG A 1 . ? 2.607   0.769   0.584  1.00 0.00 ? 4  ASG A H2  1 
HETATM 85  H  H3  . ASG A 1 . ? 2.405   -2.040  1.785  1.00 0.00 ? 4  ASG A H3  1 
HETATM 86  H  H4  . ASG A 1 . ? 3.703   -1.201  3.661  1.00 0.00 ? 4  ASG A H4  1 
HETATM 87  H  H5  . ASG A 1 . ? 1.278   -0.949  3.893  1.00 0.00 ? 4  ASG A H5  1 
HETATM 88  H  H61 . ASG A 1 . ? 1.468   0.210   5.786  1.00 0.00 ? 4  ASG A H61 1 
HETATM 89  H  H62 . ASG A 1 . ? 3.157   0.584   5.305  1.00 0.00 ? 4  ASG A H62 1 
HETATM 90  H  H81 . ASG A 1 . ? 1.839   -2.079  -2.708 1.00 0.00 ? 4  ASG A H81 1 
HETATM 91  H  H82 . ASG A 1 . ? 0.599   -0.814  -3.003 1.00 0.00 ? 4  ASG A H82 1 
HETATM 92  H  H83 . ASG A 1 . ? 2.236   -0.658  -3.731 1.00 0.00 ? 4  ASG A H83 1 
HETATM 93  H  HN2 . ASG A 1 . ? 1.084   -1.537  -0.447 1.00 0.00 ? 4  ASG A HN2 1 
HETATM 94  C  C1  . GC4 A 1 . ? 4.349   -2.586  0.469  1.00 0.00 ? 5  GC4 A C1  1 
HETATM 95  C  C2  . GC4 A 1 . ? 5.338   -2.498  -0.683 1.00 0.00 ? 5  GC4 A C2  1 
HETATM 96  C  C3  . GC4 A 1 . ? 5.700   -3.888  -1.181 1.00 0.00 ? 5  GC4 A C3  1 
HETATM 97  C  C4  . GC4 A 1 . ? 6.179   -4.755  -0.024 1.00 0.00 ? 5  GC4 A C4  1 
HETATM 98  C  C5  . GC4 A 1 . ? 5.161   -4.725  1.110  1.00 0.00 ? 5  GC4 A C5  1 
HETATM 99  O  O5  . GC4 A 1 . ? 4.912   -3.371  1.520  1.00 0.00 ? 5  GC4 A O5  1 
HETATM 100 C  C6  . GC4 A 1 . ? 5.632   -5.478  2.337  1.00 0.00 ? 5  GC4 A C6  1 
HETATM 101 O  O6A . GC4 A 1 . ? 4.884   -6.410  2.708  1.00 0.00 ? 5  GC4 A O6A 1 
HETATM 102 O  O6B . GC4 A 1 . ? 6.708   -5.070  2.825  1.00 0.00 ? 5  GC4 A O6B 1 
HETATM 103 O  O2  . GC4 A 1 . ? 4.770   -1.719  -1.732 1.00 0.00 ? 5  GC4 A O2  1 
HETATM 104 O  O3  . GC4 A 1 . ? 6.728   -3.791  -2.169 1.00 0.00 ? 5  GC4 A O3  1 
HETATM 105 H  H1  . GC4 A 1 . ? 3.415   -3.052  0.122  1.00 0.00 ? 5  GC4 A H1  1 
HETATM 106 H  H2  . GC4 A 1 . ? 6.247   -1.977  -0.351 1.00 0.00 ? 5  GC4 A H2  1 
HETATM 107 H  H3  . GC4 A 1 . ? 4.818   -4.352  -1.648 1.00 0.00 ? 5  GC4 A H3  1 
HETATM 108 H  H4  . GC4 A 1 . ? 7.146   -4.379  0.340  1.00 0.00 ? 5  GC4 A H4  1 
HETATM 109 H  H5  . GC4 A 1 . ? 4.219   -5.184  0.771  1.00 0.00 ? 5  GC4 A H5  1 
HETATM 110 C  C1  . ASG A 1 . ? 7.653   -6.573  -0.523 1.00 0.00 ? 6  ASG A C1  1 
HETATM 111 C  C2  . ASG A 1 . ? 7.616   -8.095  -0.553 1.00 0.00 ? 6  ASG A C2  1 
HETATM 112 C  C3  . ASG A 1 . ? 9.011   -8.658  -0.777 1.00 0.00 ? 6  ASG A C3  1 
HETATM 113 C  C4  . ASG A 1 . ? 9.641   -8.032  -2.014 1.00 0.00 ? 6  ASG A C4  1 
HETATM 114 C  C5  . ASG A 1 . ? 9.571   -6.511  -1.929 1.00 0.00 ? 6  ASG A C5  1 
HETATM 115 C  C6  . ASG A 1 . ? 10.078  -5.832  -3.183 1.00 0.00 ? 6  ASG A C6  1 
HETATM 116 C  C7  . ASG A 1 . ? 5.952   -9.440  0.668  1.00 0.00 ? 6  ASG A C7  1 
HETATM 117 C  C8  . ASG A 1 . ? 5.476   -9.872  2.035  1.00 0.00 ? 6  ASG A C8  1 
HETATM 118 O  O1  . ASG A 1 . ? 6.348   -6.105  -0.451 1.00 0.00 ? 6  ASG A O1  1 
HETATM 119 N  N2  . ASG A 1 . ? 7.045   -8.598  0.716  1.00 0.00 ? 6  ASG A N2  1 
HETATM 120 O  O4  . ASG A 1 . ? 8.962   -8.464  -3.191 1.00 0.00 ? 6  ASG A O4  1 
HETATM 121 O  O5  . ASG A 1 . ? 8.212   -6.089  -1.747 1.00 0.00 ? 6  ASG A O5  1 
HETATM 122 O  O6  . ASG A 1 . ? 9.021   -5.218  -3.919 1.00 0.00 ? 6  ASG A O6  1 
HETATM 123 O  O7  . ASG A 1 . ? 5.426   -9.801  -0.370 1.00 0.00 ? 6  ASG A O7  1 
HETATM 124 O  OSA . ASG A 1 . ? 10.519  -10.406 -3.061 1.00 0.00 ? 6  ASG A OSA 1 
HETATM 125 O  OSB . ASG A 1 . ? 9.460   -9.948  -5.131 1.00 0.00 ? 6  ASG A OSB 1 
HETATM 126 O  OSC . ASG A 1 . ? 8.207   -10.836 -3.329 1.00 0.00 ? 6  ASG A OSC 1 
HETATM 127 S  S   . ASG A 1 . ? 9.294   -9.947  -3.691 1.00 0.00 ? 6  ASG A S   1 
HETATM 128 H  H1  . ASG A 1 . ? 8.273   -6.239  0.322  1.00 0.00 ? 6  ASG A H1  1 
HETATM 129 H  H2  . ASG A 1 . ? 6.950   -8.431  -1.364 1.00 0.00 ? 6  ASG A H2  1 
HETATM 130 H  H3  . ASG A 1 . ? 9.638   -8.445  0.102  1.00 0.00 ? 6  ASG A H3  1 
HETATM 131 H  H4  . ASG A 1 . ? 10.694  -8.340  -2.085 1.00 0.00 ? 6  ASG A H4  1 
HETATM 132 H  H5  . ASG A 1 . ? 10.184  -6.164  -1.083 1.00 0.00 ? 6  ASG A H5  1 
HETATM 133 H  H61 . ASG A 1 . ? 10.805  -5.052  -2.909 1.00 0.00 ? 6  ASG A H61 1 
HETATM 134 H  H62 . ASG A 1 . ? 10.566  -6.575  -3.832 1.00 0.00 ? 6  ASG A H62 1 
HETATM 135 H  H81 . ASG A 1 . ? 6.330   -10.237 2.623  1.00 0.00 ? 6  ASG A H81 1 
HETATM 136 H  H82 . ASG A 1 . ? 5.016   -9.017  2.551  1.00 0.00 ? 6  ASG A H82 1 
HETATM 137 H  H83 . ASG A 1 . ? 4.735   -10.679 1.927  1.00 0.00 ? 6  ASG A H83 1 
HETATM 138 H  HN2 . ASG A 1 . ? 7.429   -8.337  1.546  1.00 0.00 ? 6  ASG A HN2 1 
HETATM 139 NA NA  . NA  B 2 . ? -7.995  0.272   7.382  1.00 0.00 ? 40 NA  A NA  1 
HETATM 140 NA NA  . NA  C 2 . ? -12.960 9.212   3.033  1.00 0.00 ? 41 NA  A NA  1 
HETATM 141 NA NA  . NA  D 2 . ? 9.915   3.527   1.300  1.00 0.00 ? 42 NA  A NA  1 
HETATM 142 NA NA  . NA  E 2 . ? -0.196  7.910   -0.125 1.00 0.00 ? 43 NA  A NA  1 
HETATM 143 NA NA  . NA  F 2 . ? 7.162   -13.302 -7.507 1.00 0.00 ? 44 NA  A NA  1 
HETATM 144 NA NA  . NA  G 2 . ? 1.096   -4.502  -4.468 1.00 0.00 ? 45 NA  A NA  1 
HETATM 145 O  O   . HOH H 3 . ? -9.031  -1.402  8.917  1.00 0.00 ? 7  HOH A O   1 
HETATM 146 O  O   . HOH H 3 . ? -5.727  -0.371  8.215  1.00 0.00 ? 8  HOH A O   1 
HETATM 147 O  O   . HOH H 3 . ? -7.831  -1.467  5.594  1.00 0.00 ? 9  HOH A O   1 
HETATM 148 O  O   . HOH H 3 . ? -6.956  1.949   5.846  1.00 0.00 ? 10 HOH A O   1 
HETATM 149 O  O   . HOH H 3 . ? -10.264 0.916   6.550  1.00 0.00 ? 11 HOH A O   1 
HETATM 150 O  O   . HOH H 3 . ? -12.794 6.988   4.164  1.00 0.00 ? 12 HOH A O   1 
HETATM 151 O  O   . HOH H 3 . ? -13.795 8.094   0.958  1.00 0.00 ? 13 HOH A O   1 
HETATM 152 O  O   . HOH H 3 . ? -10.610 8.973   2.216  1.00 0.00 ? 14 HOH A O   1 
HETATM 153 O  O   . HOH H 3 . ? -13.129 11.435  1.903  1.00 0.00 ? 15 HOH A O   1 
HETATM 154 O  O   . HOH H 3 . ? -11.281 10.840  2.685  1.00 0.00 ? 16 HOH A O   1 
HETATM 155 O  O   . HOH H 3 . ? 11.910  4.680   2.259  1.00 0.00 ? 17 HOH A O   1 
HETATM 156 O  O   . HOH H 3 . ? 11.417  1.904   0.132  1.00 0.00 ? 18 HOH A O   1 
HETATM 157 O  O   . HOH H 3 . ? 9.829   2.015   3.289  1.00 0.00 ? 19 HOH A O   1 
HETATM 158 O  O   . HOH H 3 . ? 7.918   2.373   0.336  1.00 0.00 ? 20 HOH A O   1 
HETATM 159 O  O   . HOH H 3 . ? 8.413   5.151   2.467  1.00 0.00 ? 21 HOH A O   1 
HETATM 160 O  O   . HOH H 3 . ? 2.128   7.720   0.774  1.00 0.00 ? 22 HOH A O   1 
HETATM 161 O  O   . HOH H 3 . ? -1.112  7.246   2.105  1.00 0.00 ? 23 HOH A O   1 
HETATM 162 O  O   . HOH H 3 . ? -0.128  5.507   -0.810 1.00 0.00 ? 24 HOH A O   1 
HETATM 163 O  O   . HOH H 3 . ? -2.523  8.100   -1.022 1.00 0.00 ? 25 HOH A O   1 
HETATM 164 O  O   . HOH H 3 . ? -1.177  6.811   -1.974 1.00 0.00 ? 26 HOH A O   1 
HETATM 165 O  O   . HOH H 3 . ? 7.501   -14.140 -9.835 1.00 0.00 ? 27 HOH A O   1 
HETATM 166 O  O   . HOH H 3 . ? 7.724   -15.568 -6.612 1.00 0.00 ? 28 HOH A O   1 
HETATM 167 O  O   . HOH H 3 . ? 9.574   -12.657 -7.386 1.00 0.00 ? 29 HOH A O   1 
HETATM 168 O  O   . HOH H 3 . ? 6.821   -12.466 -5.176 1.00 0.00 ? 30 HOH A O   1 
HETATM 169 O  O   . HOH H 3 . ? 6.600   -11.036 -8.403 1.00 0.00 ? 31 HOH A O   1 
HETATM 170 O  O   . HOH H 3 . ? 2.354   -6.012  -6.013 1.00 0.00 ? 32 HOH A O   1 
HETATM 171 O  O   . HOH H 3 . ? 2.942   -2.820  -4.612 1.00 0.00 ? 33 HOH A O   1 
HETATM 172 O  O   . HOH H 3 . ? 2.222   -5.568  -2.507 1.00 0.00 ? 34 HOH A O   1 
HETATM 173 O  O   . HOH H 3 . ? -0.162  -2.989  -2.926 1.00 0.00 ? 35 HOH A O   1 
HETATM 174 O  O   . HOH H 3 . ? 0.299   -4.927  -2.284 1.00 0.00 ? 36 HOH A O   1 
# 
